data_8DHM
#
_entry.id   8DHM
#
_cell.length_a   1.00
_cell.length_b   1.00
_cell.length_c   1.00
_cell.angle_alpha   90.00
_cell.angle_beta   90.00
_cell.angle_gamma   90.00
#
_symmetry.space_group_name_H-M   'P 1'
#
loop_
_entity.id
_entity.type
_entity.pdbx_description
1 polymer 'Endosomal/lysosomal potassium channel TMEM175'
2 non-polymer 'POTASSIUM ION'
3 non-polymer 4-AMINOPYRIDINE
4 water water
#
_entity_poly.entity_id   1
_entity_poly.type   'polypeptide(L)'
_entity_poly.pdbx_seq_one_letter_code
;MSQPRTPEQALDTPGDCPPGRRDEDAGEGIQCSQRMLSFSDALLSIIATVMILPVTHTEISPEQQFDRSVQRLLATRIAV
YLMTFLIVTVAWAAHTRLFQVVGKTDDTLALLNLACMMTITFLPYTFSLMVTFPDVPLGIFLFCVCVIAIGVVQALIVGY
AFHFPHLLSPQIQRSAHRALYRRHVLGIVLQGPALCFAAAIFSLFFVPLSYLLMVTVILLPYVSKVTGWCRDRLLGHREP
SAHPVEVFSFDLHEPLSKERVEAFSDGVYAIVATLLILDICEDNVPDPKDVKERFSGSLVAALSATGPRFLAYFGSFATV
GLLWFAHHSLFLHVRKATRAMGLLNTLSLAFVGGLPLAYQQTSAFARQPRDELERVRVSCTIIFLASIFQLAMWTTALLH
QAETLQPSVWFGGREHVLMFAKLALYPCASLLAFASTCLLSRFSVGIFHLMQIAVPCAFLLLRLLVGLALATLRVLRGLA
RPEHPPPAPTGQDDPQSQLLPAPC
;
_entity_poly.pdbx_strand_id   B,A
#
# COMPACT_ATOMS: atom_id res chain seq x y z
N ILE A 30 -4.57 -28.62 4.37
CA ILE A 30 -5.21 -27.53 5.11
C ILE A 30 -4.16 -26.61 5.70
N GLN A 31 -4.35 -25.30 5.49
CA GLN A 31 -3.38 -24.30 5.89
C GLN A 31 -4.08 -23.14 6.57
N CYS A 32 -3.29 -22.35 7.29
CA CYS A 32 -3.81 -21.16 7.96
C CYS A 32 -4.06 -20.05 6.95
N SER A 33 -5.11 -19.27 7.19
CA SER A 33 -5.58 -18.25 6.26
C SER A 33 -5.15 -16.85 6.62
N GLN A 34 -4.28 -16.69 7.62
CA GLN A 34 -3.96 -15.36 8.14
C GLN A 34 -3.31 -14.47 7.10
N ARG A 35 -2.24 -14.97 6.48
CA ARG A 35 -1.47 -14.15 5.55
C ARG A 35 -2.24 -13.85 4.28
N MET A 36 -3.04 -14.80 3.80
CA MET A 36 -3.86 -14.58 2.62
C MET A 36 -4.87 -13.45 2.85
N LEU A 37 -5.47 -13.42 4.03
CA LEU A 37 -6.40 -12.35 4.37
C LEU A 37 -5.69 -11.01 4.57
N SER A 38 -4.47 -11.03 5.09
CA SER A 38 -3.69 -9.79 5.17
C SER A 38 -3.38 -9.23 3.79
N PHE A 39 -2.99 -10.11 2.86
CA PHE A 39 -2.75 -9.70 1.48
C PHE A 39 -4.01 -9.12 0.84
N SER A 40 -5.14 -9.78 1.08
CA SER A 40 -6.42 -9.28 0.58
C SER A 40 -6.72 -7.90 1.15
N ASP A 41 -6.47 -7.70 2.44
CA ASP A 41 -6.70 -6.40 3.07
C ASP A 41 -5.85 -5.32 2.41
N ALA A 42 -4.57 -5.62 2.16
CA ALA A 42 -3.72 -4.62 1.51
C ALA A 42 -4.25 -4.26 0.13
N LEU A 43 -4.63 -5.25 -0.66
CA LEU A 43 -5.17 -4.98 -1.98
C LEU A 43 -6.45 -4.13 -1.88
N LEU A 44 -7.35 -4.50 -0.97
CA LEU A 44 -8.60 -3.78 -0.83
C LEU A 44 -8.38 -2.35 -0.38
N SER A 45 -7.38 -2.10 0.48
CA SER A 45 -7.06 -0.73 0.85
C SER A 45 -6.60 0.08 -0.34
N ILE A 46 -5.71 -0.50 -1.17
CA ILE A 46 -5.27 0.21 -2.36
C ILE A 46 -6.44 0.55 -3.27
N ILE A 47 -7.34 -0.43 -3.47
CA ILE A 47 -8.46 -0.22 -4.38
C ILE A 47 -9.45 0.80 -3.82
N ALA A 48 -9.68 0.81 -2.51
CA ALA A 48 -10.57 1.79 -1.90
C ALA A 48 -9.98 3.19 -1.92
N THR A 49 -8.65 3.33 -1.96
CA THR A 49 -8.03 4.65 -1.97
C THR A 49 -7.57 5.10 -3.35
N VAL A 50 -7.80 4.32 -4.41
CA VAL A 50 -7.35 4.73 -5.75
C VAL A 50 -7.90 6.11 -6.11
N MET A 51 -9.18 6.35 -5.87
CA MET A 51 -9.83 7.57 -6.36
C MET A 51 -9.44 8.84 -5.60
N ILE A 52 -8.54 8.76 -4.63
CA ILE A 52 -8.07 9.99 -3.99
C ILE A 52 -6.98 10.68 -4.80
N LEU A 53 -6.31 9.95 -5.69
CA LEU A 53 -5.23 10.47 -6.51
C LEU A 53 -5.71 11.58 -7.46
N PRO A 54 -6.80 11.37 -8.20
CA PRO A 54 -7.30 12.45 -9.06
C PRO A 54 -7.71 13.70 -8.28
N VAL A 55 -8.24 13.54 -7.07
CA VAL A 55 -8.58 14.70 -6.26
C VAL A 55 -7.33 15.49 -5.92
N THR A 56 -6.27 14.79 -5.51
CA THR A 56 -5.06 15.41 -5.02
C THR A 56 -4.14 15.86 -6.14
N HIS A 57 -4.39 15.44 -7.37
CA HIS A 57 -3.63 15.87 -8.53
C HIS A 57 -4.23 17.10 -9.19
N THR A 58 -5.35 17.61 -8.67
CA THR A 58 -5.96 18.81 -9.21
C THR A 58 -5.16 20.04 -8.80
N GLU A 59 -5.27 21.09 -9.62
CA GLU A 59 -4.48 22.29 -9.44
C GLU A 59 -5.38 23.44 -9.00
N ILE A 60 -4.74 24.45 -8.39
CA ILE A 60 -5.41 25.67 -7.98
C ILE A 60 -5.29 26.67 -9.12
N SER A 61 -6.41 27.14 -9.64
CA SER A 61 -6.40 28.04 -10.79
C SER A 61 -5.97 29.43 -10.37
N PRO A 62 -5.01 30.06 -11.06
CA PRO A 62 -4.70 31.46 -10.74
C PRO A 62 -5.78 32.43 -11.21
N GLU A 63 -6.31 32.21 -12.41
CA GLU A 63 -7.36 33.07 -12.93
C GLU A 63 -8.66 32.81 -12.16
N GLN A 64 -9.22 33.86 -11.58
CA GLN A 64 -10.45 33.70 -10.81
C GLN A 64 -11.61 33.28 -11.70
N GLN A 65 -11.60 33.70 -12.96
CA GLN A 65 -12.67 33.28 -13.88
C GLN A 65 -12.76 31.77 -13.95
N PHE A 66 -11.64 31.06 -13.78
CA PHE A 66 -11.65 29.60 -13.82
C PHE A 66 -12.10 28.99 -12.50
N ASP A 67 -11.98 29.72 -11.38
CA ASP A 67 -12.28 29.17 -10.07
C ASP A 67 -13.55 28.33 -10.09
N ARG A 68 -14.66 28.94 -10.47
CA ARG A 68 -15.94 28.23 -10.54
C ARG A 68 -15.75 26.85 -11.15
N SER A 69 -15.31 26.80 -12.41
CA SER A 69 -15.11 25.52 -13.07
C SER A 69 -14.18 24.64 -12.24
N VAL A 70 -13.00 25.15 -11.88
CA VAL A 70 -12.03 24.34 -11.15
C VAL A 70 -12.57 23.93 -9.78
N GLN A 71 -13.58 24.62 -9.27
CA GLN A 71 -14.26 24.14 -8.08
C GLN A 71 -15.17 22.96 -8.41
N ARG A 72 -16.06 23.15 -9.39
CA ARG A 72 -16.98 22.09 -9.78
C ARG A 72 -16.26 20.77 -9.94
N LEU A 73 -15.24 20.74 -10.82
CA LEU A 73 -14.50 19.51 -11.06
C LEU A 73 -14.07 18.88 -9.74
N LEU A 74 -13.42 19.67 -8.88
CA LEU A 74 -12.94 19.13 -7.62
C LEU A 74 -14.07 18.43 -6.87
N ALA A 75 -15.21 19.09 -6.73
CA ALA A 75 -16.33 18.46 -6.04
C ALA A 75 -16.70 17.14 -6.71
N THR A 76 -16.85 17.15 -8.04
CA THR A 76 -17.23 15.93 -8.74
C THR A 76 -16.23 14.82 -8.47
N ARG A 77 -14.95 15.18 -8.30
CA ARG A 77 -13.97 14.17 -7.95
C ARG A 77 -14.17 13.68 -6.53
N ILE A 78 -14.32 14.60 -5.58
CA ILE A 78 -14.42 14.21 -4.18
C ILE A 78 -15.60 13.28 -3.97
N ALA A 79 -16.77 13.64 -4.51
CA ALA A 79 -17.92 12.76 -4.43
C ALA A 79 -17.57 11.37 -4.94
N VAL A 80 -16.95 11.30 -6.12
CA VAL A 80 -16.62 10.00 -6.70
C VAL A 80 -15.70 9.22 -5.78
N TYR A 81 -14.79 9.92 -5.10
CA TYR A 81 -13.97 9.25 -4.10
C TYR A 81 -14.83 8.68 -2.99
N LEU A 82 -15.69 9.50 -2.39
CA LEU A 82 -16.41 9.07 -1.19
C LEU A 82 -17.28 7.86 -1.49
N MET A 83 -18.00 7.89 -2.61
CA MET A 83 -18.77 6.72 -3.01
C MET A 83 -17.88 5.52 -3.23
N THR A 84 -16.81 5.70 -4.02
CA THR A 84 -15.96 4.56 -4.35
C THR A 84 -15.40 3.90 -3.09
N PHE A 85 -14.79 4.70 -2.22
CA PHE A 85 -14.27 4.15 -0.98
C PHE A 85 -15.33 3.36 -0.23
N LEU A 86 -16.57 3.84 -0.25
CA LEU A 86 -17.64 3.10 0.39
C LEU A 86 -17.91 1.77 -0.31
N ILE A 87 -18.09 1.81 -1.64
CA ILE A 87 -18.46 0.58 -2.35
C ILE A 87 -17.42 -0.50 -2.10
N VAL A 88 -16.15 -0.19 -2.31
CA VAL A 88 -15.10 -1.16 -2.06
C VAL A 88 -15.16 -1.66 -0.63
N THR A 89 -15.37 -0.75 0.32
CA THR A 89 -15.49 -1.15 1.71
C THR A 89 -16.57 -2.20 1.90
N VAL A 90 -17.73 -1.99 1.27
CA VAL A 90 -18.78 -3.00 1.36
C VAL A 90 -18.24 -4.34 0.90
N ALA A 91 -17.60 -4.37 -0.26
CA ALA A 91 -16.98 -5.61 -0.73
C ALA A 91 -16.03 -6.16 0.33
N TRP A 92 -15.16 -5.32 0.86
CA TRP A 92 -14.26 -5.77 1.91
C TRP A 92 -15.03 -6.45 3.02
N ALA A 93 -16.11 -5.82 3.49
CA ALA A 93 -16.89 -6.43 4.55
C ALA A 93 -17.40 -7.80 4.12
N ALA A 94 -17.98 -7.89 2.92
CA ALA A 94 -18.48 -9.17 2.44
C ALA A 94 -17.36 -10.20 2.40
N HIS A 95 -16.14 -9.77 2.11
CA HIS A 95 -14.99 -10.66 2.18
C HIS A 95 -14.71 -11.09 3.61
N THR A 96 -14.59 -10.12 4.53
CA THR A 96 -14.21 -10.41 5.90
C THR A 96 -15.11 -11.48 6.49
N ARG A 97 -16.37 -11.41 6.14
CA ARG A 97 -17.42 -12.24 6.69
C ARG A 97 -17.41 -13.63 6.08
N LEU A 98 -17.07 -13.72 4.79
CA LEU A 98 -17.00 -15.00 4.10
C LEU A 98 -15.95 -15.90 4.73
N PHE A 99 -14.78 -15.35 5.00
CA PHE A 99 -13.66 -16.10 5.55
C PHE A 99 -13.69 -16.15 7.07
N GLN A 100 -14.78 -15.69 7.67
CA GLN A 100 -15.18 -16.15 9.00
C GLN A 100 -15.98 -17.44 8.95
N VAL A 101 -16.60 -17.73 7.80
CA VAL A 101 -17.22 -19.03 7.56
C VAL A 101 -16.22 -20.04 7.04
N VAL A 102 -15.19 -19.59 6.32
CA VAL A 102 -14.12 -20.44 5.83
C VAL A 102 -12.90 -20.13 6.70
N GLY A 103 -12.73 -20.90 7.77
CA GLY A 103 -11.69 -20.61 8.73
C GLY A 103 -10.30 -20.99 8.28
N LYS A 104 -10.20 -21.93 7.34
CA LYS A 104 -8.91 -22.43 6.88
C LYS A 104 -8.91 -22.45 5.36
N THR A 105 -7.71 -22.29 4.80
CA THR A 105 -7.53 -22.12 3.36
C THR A 105 -6.76 -23.29 2.78
N ASP A 106 -6.76 -23.35 1.46
CA ASP A 106 -5.91 -24.28 0.70
C ASP A 106 -5.44 -23.56 -0.55
N ASP A 107 -4.80 -24.31 -1.46
CA ASP A 107 -4.26 -23.71 -2.67
C ASP A 107 -5.37 -23.20 -3.58
N THR A 108 -6.38 -24.04 -3.81
CA THR A 108 -7.49 -23.66 -4.67
C THR A 108 -8.22 -22.44 -4.12
N LEU A 109 -8.46 -22.42 -2.81
CA LEU A 109 -9.16 -21.28 -2.22
C LEU A 109 -8.34 -20.01 -2.34
N ALA A 110 -7.03 -20.09 -2.16
CA ALA A 110 -6.17 -18.91 -2.31
C ALA A 110 -6.21 -18.39 -3.74
N LEU A 111 -6.16 -19.27 -4.72
CA LEU A 111 -6.24 -18.83 -6.11
C LEU A 111 -7.59 -18.22 -6.43
N LEU A 112 -8.68 -18.80 -5.95
CA LEU A 112 -9.99 -18.21 -6.17
C LEU A 112 -10.12 -16.87 -5.46
N ASN A 113 -9.49 -16.71 -4.31
CA ASN A 113 -9.47 -15.42 -3.63
C ASN A 113 -8.69 -14.39 -4.44
N LEU A 114 -7.60 -14.81 -5.09
CA LEU A 114 -6.91 -13.92 -6.00
C LEU A 114 -7.84 -13.48 -7.12
N ALA A 115 -8.63 -14.41 -7.67
CA ALA A 115 -9.61 -14.06 -8.68
C ALA A 115 -10.63 -13.04 -8.15
N CYS A 116 -11.13 -13.26 -6.94
CA CYS A 116 -12.09 -12.33 -6.36
C CYS A 116 -11.48 -10.94 -6.17
N MET A 117 -10.23 -10.88 -5.71
CA MET A 117 -9.54 -9.60 -5.60
C MET A 117 -9.43 -8.92 -6.96
N MET A 118 -9.08 -9.68 -8.00
CA MET A 118 -9.04 -9.12 -9.34
C MET A 118 -10.37 -8.50 -9.71
N THR A 119 -11.47 -9.22 -9.48
CA THR A 119 -12.77 -8.67 -9.80
C THR A 119 -13.09 -7.41 -9.00
N ILE A 120 -12.79 -7.40 -7.71
CA ILE A 120 -13.06 -6.21 -6.90
C ILE A 120 -12.24 -5.03 -7.40
N THR A 121 -11.06 -5.28 -7.94
CA THR A 121 -10.18 -4.21 -8.40
C THR A 121 -10.76 -3.39 -9.55
N PHE A 122 -11.81 -3.86 -10.23
CA PHE A 122 -12.38 -3.13 -11.34
C PHE A 122 -13.56 -2.24 -10.97
N LEU A 123 -14.00 -2.26 -9.72
CA LEU A 123 -15.18 -1.54 -9.29
C LEU A 123 -15.01 -0.02 -9.45
N PRO A 124 -13.90 0.56 -9.00
CA PRO A 124 -13.73 2.01 -9.15
C PRO A 124 -13.79 2.49 -10.59
N TYR A 125 -13.12 1.78 -11.50
CA TYR A 125 -13.13 2.20 -12.90
C TYR A 125 -14.53 2.16 -13.48
N THR A 126 -15.27 1.07 -13.23
CA THR A 126 -16.62 0.94 -13.75
C THR A 126 -17.58 1.96 -13.15
N PHE A 127 -17.45 2.26 -11.87
CA PHE A 127 -18.27 3.28 -11.23
C PHE A 127 -17.99 4.67 -11.77
N SER A 128 -16.71 5.01 -11.95
CA SER A 128 -16.36 6.28 -12.55
C SER A 128 -16.87 6.37 -13.98
N LEU A 129 -16.79 5.28 -14.73
CA LEU A 129 -17.33 5.23 -16.09
C LEU A 129 -18.84 5.43 -16.09
N MET A 130 -19.55 4.81 -15.14
CA MET A 130 -20.99 4.95 -15.06
C MET A 130 -21.42 6.36 -14.69
N VAL A 131 -20.68 7.02 -13.80
CA VAL A 131 -21.05 8.39 -13.44
C VAL A 131 -20.60 9.41 -14.48
N THR A 132 -19.55 9.10 -15.25
CA THR A 132 -19.08 10.04 -16.27
C THR A 132 -19.99 10.03 -17.50
N PHE A 133 -20.56 8.87 -17.83
CA PHE A 133 -21.46 8.72 -18.97
C PHE A 133 -22.80 8.22 -18.46
N PRO A 134 -23.58 9.09 -17.80
CA PRO A 134 -24.85 8.63 -17.24
C PRO A 134 -25.84 8.12 -18.28
N ASP A 135 -25.91 8.78 -19.44
CA ASP A 135 -26.89 8.38 -20.44
C ASP A 135 -26.49 7.11 -21.17
N VAL A 136 -25.20 6.89 -21.37
CA VAL A 136 -24.76 5.67 -22.06
C VAL A 136 -25.09 4.45 -21.21
N PRO A 137 -25.73 3.42 -21.75
CA PRO A 137 -26.10 2.25 -20.93
C PRO A 137 -24.95 1.30 -20.64
N LEU A 138 -23.83 1.43 -21.34
CA LEU A 138 -22.74 0.47 -21.18
C LEU A 138 -22.12 0.53 -19.78
N GLY A 139 -22.07 1.72 -19.17
CA GLY A 139 -21.43 1.85 -17.88
C GLY A 139 -22.17 1.10 -16.77
N ILE A 140 -23.49 1.24 -16.74
CA ILE A 140 -24.30 0.48 -15.79
C ILE A 140 -24.09 -1.01 -16.01
N PHE A 141 -24.07 -1.44 -17.27
CA PHE A 141 -23.88 -2.84 -17.59
C PHE A 141 -22.55 -3.37 -17.07
N LEU A 142 -21.47 -2.61 -17.27
CA LEU A 142 -20.15 -3.05 -16.83
C LEU A 142 -20.03 -3.06 -15.30
N PHE A 143 -20.60 -2.07 -14.62
CA PHE A 143 -20.59 -2.07 -13.17
C PHE A 143 -21.37 -3.26 -12.61
N CYS A 144 -22.54 -3.54 -13.19
CA CYS A 144 -23.32 -4.69 -12.76
C CYS A 144 -22.57 -5.99 -13.00
N VAL A 145 -21.87 -6.08 -14.13
CA VAL A 145 -21.08 -7.28 -14.41
C VAL A 145 -19.98 -7.47 -13.39
N CYS A 146 -19.30 -6.37 -13.01
CA CYS A 146 -18.28 -6.48 -11.96
C CYS A 146 -18.87 -7.03 -10.66
N VAL A 147 -20.01 -6.47 -10.23
CA VAL A 147 -20.61 -6.91 -8.98
C VAL A 147 -21.04 -8.39 -9.09
N ILE A 148 -21.64 -8.75 -10.21
CA ILE A 148 -22.09 -10.12 -10.42
C ILE A 148 -20.92 -11.08 -10.37
N ALA A 149 -19.80 -10.71 -11.00
CA ALA A 149 -18.62 -11.58 -10.98
C ALA A 149 -18.09 -11.76 -9.57
N ILE A 150 -18.07 -10.68 -8.78
CA ILE A 150 -17.68 -10.82 -7.37
C ILE A 150 -18.57 -11.86 -6.69
N GLY A 151 -19.87 -11.75 -6.90
CA GLY A 151 -20.79 -12.71 -6.31
C GLY A 151 -20.55 -14.13 -6.75
N VAL A 152 -20.29 -14.33 -8.04
CA VAL A 152 -20.06 -15.67 -8.57
C VAL A 152 -18.81 -16.28 -7.93
N VAL A 153 -17.73 -15.50 -7.85
CA VAL A 153 -16.50 -16.05 -7.28
C VAL A 153 -16.72 -16.42 -5.81
N GLN A 154 -17.43 -15.57 -5.06
CA GLN A 154 -17.67 -15.88 -3.65
C GLN A 154 -18.54 -17.12 -3.50
N ALA A 155 -19.54 -17.28 -4.38
CA ALA A 155 -20.35 -18.48 -4.35
C ALA A 155 -19.49 -19.72 -4.62
N LEU A 156 -18.56 -19.62 -5.56
CA LEU A 156 -17.66 -20.74 -5.83
C LEU A 156 -16.85 -21.09 -4.60
N ILE A 157 -16.32 -20.07 -3.92
CA ILE A 157 -15.54 -20.31 -2.72
C ILE A 157 -16.38 -21.03 -1.68
N VAL A 158 -17.61 -20.57 -1.46
CA VAL A 158 -18.46 -21.16 -0.44
C VAL A 158 -18.81 -22.60 -0.78
N GLY A 159 -19.13 -22.86 -2.05
CA GLY A 159 -19.42 -24.22 -2.46
C GLY A 159 -18.23 -25.14 -2.29
N TYR A 160 -17.04 -24.67 -2.66
CA TYR A 160 -15.84 -25.47 -2.45
C TYR A 160 -15.64 -25.78 -0.97
N ALA A 161 -15.83 -24.79 -0.10
CA ALA A 161 -15.64 -25.02 1.32
C ALA A 161 -16.67 -25.99 1.88
N PHE A 162 -17.90 -25.94 1.38
CA PHE A 162 -18.94 -26.82 1.87
C PHE A 162 -18.89 -28.21 1.27
N HIS A 163 -18.16 -28.41 0.17
CA HIS A 163 -17.88 -29.76 -0.32
C HIS A 163 -16.68 -30.38 0.35
N PHE A 164 -15.89 -29.60 1.07
CA PHE A 164 -14.78 -30.07 1.89
C PHE A 164 -14.96 -29.50 3.29
N PRO A 165 -15.80 -30.12 4.12
CA PRO A 165 -16.24 -29.47 5.36
C PRO A 165 -15.11 -29.11 6.31
N HIS A 166 -13.97 -29.79 6.20
CA HIS A 166 -12.85 -29.49 7.08
C HIS A 166 -12.29 -28.09 6.85
N LEU A 167 -12.66 -27.43 5.75
CA LEU A 167 -12.26 -26.06 5.52
C LEU A 167 -13.19 -25.05 6.17
N LEU A 168 -14.34 -25.50 6.67
CA LEU A 168 -15.30 -24.61 7.30
C LEU A 168 -14.95 -24.37 8.76
N SER A 169 -15.38 -23.24 9.30
CA SER A 169 -15.10 -22.92 10.68
C SER A 169 -15.82 -23.90 11.60
N PRO A 170 -15.28 -24.15 12.79
CA PRO A 170 -15.89 -25.16 13.68
C PRO A 170 -17.35 -24.87 13.99
N GLN A 171 -17.71 -23.61 14.15
CA GLN A 171 -19.11 -23.27 14.43
C GLN A 171 -20.02 -23.58 13.26
N ILE A 172 -19.46 -23.70 12.05
CA ILE A 172 -20.24 -24.09 10.88
C ILE A 172 -20.23 -25.60 10.66
N GLN A 173 -19.44 -26.34 11.44
CA GLN A 173 -19.34 -27.79 11.28
C GLN A 173 -19.67 -28.51 12.58
N GLU A 254 -23.35 -9.80 12.96
CA GLU A 254 -23.19 -8.82 14.02
C GLU A 254 -21.72 -8.58 14.35
N PRO A 255 -21.01 -9.62 14.77
CA PRO A 255 -19.58 -9.46 15.06
C PRO A 255 -18.76 -9.23 13.80
N LEU A 256 -17.64 -8.55 13.98
CA LEU A 256 -16.71 -8.26 12.89
C LEU A 256 -15.29 -8.56 13.35
N SER A 257 -14.55 -9.27 12.51
CA SER A 257 -13.18 -9.63 12.87
C SER A 257 -12.32 -8.38 12.97
N LYS A 258 -11.74 -8.16 14.14
CA LYS A 258 -10.96 -6.95 14.34
C LYS A 258 -9.60 -7.01 13.67
N GLU A 259 -9.03 -8.19 13.47
CA GLU A 259 -7.78 -8.30 12.73
C GLU A 259 -7.91 -7.68 11.35
N ARG A 260 -8.96 -8.02 10.62
CA ARG A 260 -9.20 -7.46 9.30
C ARG A 260 -9.39 -5.96 9.36
N VAL A 261 -10.13 -5.49 10.37
CA VAL A 261 -10.36 -4.05 10.53
C VAL A 261 -9.04 -3.32 10.71
N GLU A 262 -8.19 -3.82 11.60
CA GLU A 262 -6.90 -3.18 11.84
C GLU A 262 -6.02 -3.20 10.60
N ALA A 263 -5.98 -4.32 9.87
CA ALA A 263 -5.13 -4.36 8.68
C ALA A 263 -5.61 -3.37 7.61
N PHE A 264 -6.92 -3.35 7.36
CA PHE A 264 -7.49 -2.40 6.40
C PHE A 264 -7.18 -0.96 6.81
N SER A 265 -7.41 -0.63 8.08
CA SER A 265 -7.17 0.73 8.56
C SER A 265 -5.69 1.09 8.44
N ASP A 266 -4.81 0.16 8.80
CA ASP A 266 -3.38 0.40 8.68
C ASP A 266 -2.99 0.74 7.26
N GLY A 267 -3.47 -0.04 6.30
CA GLY A 267 -3.15 0.24 4.91
C GLY A 267 -3.66 1.59 4.46
N VAL A 268 -4.90 1.91 4.79
CA VAL A 268 -5.46 3.20 4.39
C VAL A 268 -4.64 4.34 4.98
N TYR A 269 -4.29 4.22 6.28
CA TYR A 269 -3.52 5.27 6.93
C TYR A 269 -2.17 5.45 6.28
N ALA A 270 -1.48 4.36 5.98
CA ALA A 270 -0.16 4.46 5.37
C ALA A 270 -0.23 5.11 3.99
N ILE A 271 -1.22 4.71 3.18
CA ILE A 271 -1.38 5.31 1.86
C ILE A 271 -1.60 6.82 1.98
N VAL A 272 -2.54 7.22 2.85
CA VAL A 272 -2.87 8.63 2.98
C VAL A 272 -1.67 9.40 3.53
N ALA A 273 -0.85 8.77 4.37
CA ALA A 273 0.31 9.44 4.93
C ALA A 273 1.41 9.67 3.91
N THR A 274 1.63 8.74 2.99
CA THR A 274 2.71 8.86 2.01
C THR A 274 2.26 9.39 0.65
N LEU A 275 0.98 9.74 0.52
CA LEU A 275 0.45 10.22 -0.75
C LEU A 275 1.28 11.37 -1.32
N LEU A 276 1.57 12.38 -0.50
CA LEU A 276 2.23 13.59 -1.02
C LEU A 276 3.71 13.38 -1.27
N ILE A 277 4.38 12.56 -0.47
CA ILE A 277 5.78 12.28 -0.75
C ILE A 277 5.92 11.51 -2.05
N LEU A 278 4.95 10.66 -2.39
CA LEU A 278 5.00 9.99 -3.68
C LEU A 278 5.02 11.00 -4.83
N ASP A 279 4.14 12.00 -4.78
CA ASP A 279 4.12 13.03 -5.80
C ASP A 279 5.40 13.85 -5.80
N ILE A 280 5.92 14.17 -4.61
CA ILE A 280 7.16 14.92 -4.55
C ILE A 280 8.28 14.16 -5.24
N CYS A 281 8.38 12.85 -4.99
CA CYS A 281 9.39 12.03 -5.65
C CYS A 281 9.17 11.94 -7.15
N GLU A 282 7.93 11.83 -7.62
CA GLU A 282 7.66 11.73 -9.05
C GLU A 282 7.87 13.02 -9.83
N ASP A 283 7.53 14.17 -9.26
CA ASP A 283 7.39 15.38 -10.07
C ASP A 283 8.31 16.52 -9.66
N ASN A 284 8.57 16.67 -8.35
CA ASN A 284 9.23 17.86 -7.83
C ASN A 284 10.71 17.62 -7.54
N VAL A 285 11.37 16.75 -8.30
CA VAL A 285 12.82 16.61 -8.27
C VAL A 285 13.38 17.59 -9.30
N PRO A 286 14.14 18.60 -8.91
CA PRO A 286 14.54 19.64 -9.85
C PRO A 286 15.30 19.09 -11.04
N ASP A 287 15.01 19.64 -12.20
CA ASP A 287 15.69 19.36 -13.47
C ASP A 287 16.96 20.21 -13.57
N PRO A 288 18.11 19.62 -13.90
CA PRO A 288 19.29 20.46 -14.18
C PRO A 288 19.00 21.57 -15.16
N LYS A 289 18.11 21.31 -16.12
CA LYS A 289 17.69 22.32 -17.08
C LYS A 289 17.00 23.50 -16.40
N ASP A 290 15.99 23.22 -15.57
CA ASP A 290 15.29 24.29 -14.88
C ASP A 290 16.22 25.02 -13.93
N VAL A 291 17.13 24.29 -13.30
CA VAL A 291 18.11 24.90 -12.40
C VAL A 291 19.04 25.84 -13.16
N LYS A 292 19.40 25.50 -14.39
CA LYS A 292 20.27 26.35 -15.19
C LYS A 292 19.53 27.50 -15.88
N GLU A 293 18.21 27.43 -16.00
CA GLU A 293 17.45 28.45 -16.72
C GLU A 293 16.70 29.41 -15.82
N ARG A 294 15.98 28.92 -14.80
CA ARG A 294 15.10 29.75 -14.01
C ARG A 294 15.60 30.05 -12.60
N PHE A 295 16.59 29.32 -12.11
CA PHE A 295 17.07 29.51 -10.74
C PHE A 295 18.53 29.90 -10.68
N SER A 296 19.13 30.29 -11.80
CA SER A 296 20.48 30.84 -11.86
C SER A 296 21.56 29.83 -11.50
N GLY A 297 21.24 28.54 -11.50
CA GLY A 297 22.21 27.50 -11.24
C GLY A 297 22.22 26.97 -9.82
N SER A 298 21.57 27.66 -8.89
CA SER A 298 21.53 27.22 -7.51
C SER A 298 20.41 26.21 -7.31
N LEU A 299 20.78 24.97 -6.99
CA LEU A 299 19.79 23.96 -6.65
C LEU A 299 19.12 24.26 -5.31
N VAL A 300 19.79 25.01 -4.43
CA VAL A 300 19.15 25.42 -3.18
C VAL A 300 17.93 26.27 -3.46
N ALA A 301 18.02 27.21 -4.41
CA ALA A 301 16.87 28.02 -4.79
C ALA A 301 15.76 27.19 -5.43
N ALA A 302 16.12 26.27 -6.33
CA ALA A 302 15.13 25.43 -6.96
C ALA A 302 14.41 24.55 -5.94
N LEU A 303 15.10 24.14 -4.88
CA LEU A 303 14.48 23.37 -3.82
C LEU A 303 13.66 24.24 -2.88
N SER A 304 14.10 25.48 -2.65
CA SER A 304 13.33 26.41 -1.84
C SER A 304 12.02 26.77 -2.53
N ALA A 305 11.99 26.76 -3.86
CA ALA A 305 10.77 26.97 -4.60
C ALA A 305 9.82 25.77 -4.54
N THR A 306 10.20 24.71 -3.85
CA THR A 306 9.34 23.55 -3.62
C THR A 306 9.06 23.31 -2.14
N GLY A 307 9.37 24.27 -1.28
CA GLY A 307 9.20 24.11 0.15
C GLY A 307 7.76 23.91 0.60
N PRO A 308 6.83 24.64 -0.01
CA PRO A 308 5.42 24.48 0.39
C PRO A 308 4.93 23.05 0.30
N ARG A 309 5.35 22.30 -0.72
CA ARG A 309 4.92 20.91 -0.86
C ARG A 309 5.50 20.03 0.23
N PHE A 310 6.76 20.27 0.60
CA PHE A 310 7.36 19.57 1.72
C PHE A 310 6.64 19.88 3.03
N LEU A 311 6.27 21.15 3.24
CA LEU A 311 5.50 21.51 4.42
C LEU A 311 4.16 20.76 4.45
N ALA A 312 3.49 20.73 3.31
CA ALA A 312 2.22 20.00 3.23
C ALA A 312 2.40 18.54 3.59
N TYR A 313 3.44 17.90 3.05
CA TYR A 313 3.68 16.49 3.35
C TYR A 313 3.99 16.30 4.83
N PHE A 314 4.83 17.16 5.40
CA PHE A 314 5.13 17.04 6.83
C PHE A 314 3.86 17.10 7.66
N GLY A 315 3.03 18.11 7.43
CA GLY A 315 1.81 18.25 8.21
C GLY A 315 0.87 17.08 8.03
N SER A 316 0.65 16.67 6.78
CA SER A 316 -0.28 15.59 6.51
C SER A 316 0.20 14.29 7.13
N PHE A 317 1.49 13.98 6.99
CA PHE A 317 2.02 12.76 7.57
C PHE A 317 1.90 12.77 9.09
N ALA A 318 2.23 13.89 9.72
CA ALA A 318 2.14 13.96 11.17
C ALA A 318 0.71 13.75 11.64
N THR A 319 -0.25 14.45 11.03
CA THR A 319 -1.64 14.34 11.47
C THR A 319 -2.19 12.95 11.22
N VAL A 320 -1.91 12.36 10.05
CA VAL A 320 -2.41 11.03 9.75
C VAL A 320 -1.80 10.01 10.70
N GLY A 321 -0.50 10.10 10.94
CA GLY A 321 0.16 9.16 11.84
C GLY A 321 -0.35 9.25 13.27
N LEU A 322 -0.63 10.46 13.74
CA LEU A 322 -1.17 10.59 15.10
C LEU A 322 -2.62 10.12 15.19
N LEU A 323 -3.41 10.32 14.13
CA LEU A 323 -4.72 9.69 14.10
C LEU A 323 -4.63 8.17 14.11
N TRP A 324 -3.66 7.62 13.39
CA TRP A 324 -3.39 6.19 13.48
C TRP A 324 -2.99 5.80 14.89
N PHE A 325 -2.22 6.65 15.57
CA PHE A 325 -1.82 6.38 16.94
C PHE A 325 -3.03 6.29 17.86
N ALA A 326 -3.98 7.21 17.71
CA ALA A 326 -5.21 7.13 18.49
C ALA A 326 -6.00 5.87 18.17
N HIS A 327 -6.12 5.54 16.89
CA HIS A 327 -6.83 4.33 16.47
C HIS A 327 -6.18 3.08 17.06
N HIS A 328 -4.85 3.02 17.00
CA HIS A 328 -4.10 1.89 17.54
C HIS A 328 -4.27 1.75 19.03
N SER A 329 -4.23 2.88 19.75
CA SER A 329 -4.47 2.85 21.19
C SER A 329 -5.87 2.33 21.50
N LEU A 330 -6.88 2.76 20.74
CA LEU A 330 -8.22 2.26 20.96
C LEU A 330 -8.31 0.76 20.74
N PHE A 331 -7.84 0.29 19.59
CA PHE A 331 -8.07 -1.11 19.25
C PHE A 331 -7.14 -2.05 19.98
N LEU A 332 -6.11 -1.54 20.67
CA LEU A 332 -5.39 -2.37 21.63
C LEU A 332 -6.27 -2.77 22.80
N HIS A 333 -7.33 -2.00 23.08
CA HIS A 333 -8.18 -2.21 24.25
C HIS A 333 -9.55 -2.76 23.88
N VAL A 334 -9.73 -3.23 22.65
CA VAL A 334 -11.01 -3.71 22.16
C VAL A 334 -10.99 -5.24 22.13
N ARG A 335 -12.10 -5.83 22.58
CA ARG A 335 -12.26 -7.28 22.55
C ARG A 335 -12.96 -7.74 21.28
N LYS A 336 -14.18 -7.28 21.06
CA LYS A 336 -14.98 -7.65 19.89
C LYS A 336 -15.41 -6.40 19.14
N ALA A 337 -15.23 -6.42 17.83
CA ALA A 337 -15.60 -5.29 16.99
C ALA A 337 -16.98 -5.52 16.40
N THR A 338 -17.86 -4.53 16.58
CA THR A 338 -19.22 -4.59 16.06
C THR A 338 -19.28 -3.88 14.71
N ARG A 339 -20.32 -4.23 13.94
CA ARG A 339 -20.52 -3.62 12.63
C ARG A 339 -20.81 -2.13 12.74
N ALA A 340 -21.42 -1.70 13.85
CA ALA A 340 -21.56 -0.27 14.11
C ALA A 340 -20.20 0.40 14.19
N MET A 341 -19.29 -0.17 15.00
CA MET A 341 -17.93 0.32 15.06
C MET A 341 -17.25 0.24 13.70
N GLY A 342 -17.57 -0.76 12.89
CA GLY A 342 -16.98 -0.85 11.56
C GLY A 342 -17.42 0.28 10.65
N LEU A 343 -18.70 0.62 10.68
CA LEU A 343 -19.18 1.74 9.89
C LEU A 343 -18.58 3.05 10.36
N LEU A 344 -18.46 3.22 11.68
CA LEU A 344 -17.83 4.43 12.21
C LEU A 344 -16.38 4.52 11.76
N ASN A 345 -15.64 3.41 11.81
CA ASN A 345 -14.27 3.39 11.33
C ASN A 345 -14.19 3.70 9.84
N THR A 346 -15.12 3.15 9.05
CA THR A 346 -15.13 3.40 7.61
C THR A 346 -15.34 4.89 7.32
N LEU A 347 -16.29 5.52 8.01
CA LEU A 347 -16.47 6.96 7.86
C LEU A 347 -15.22 7.73 8.26
N SER A 348 -14.60 7.32 9.37
CA SER A 348 -13.40 8.01 9.82
C SER A 348 -12.28 7.93 8.79
N LEU A 349 -12.07 6.74 8.21
CA LEU A 349 -11.03 6.59 7.20
C LEU A 349 -11.36 7.35 5.94
N ALA A 350 -12.62 7.34 5.52
CA ALA A 350 -13.03 8.10 4.35
C ALA A 350 -12.68 9.57 4.52
N PHE A 351 -12.94 10.13 5.71
CA PHE A 351 -12.59 11.53 5.91
C PHE A 351 -11.09 11.74 6.15
N VAL A 352 -10.39 10.71 6.64
CA VAL A 352 -8.94 10.79 6.74
C VAL A 352 -8.34 10.96 5.36
N GLY A 353 -8.93 10.32 4.35
CA GLY A 353 -8.41 10.39 3.00
C GLY A 353 -8.27 11.80 2.46
N GLY A 354 -9.04 12.75 2.97
CA GLY A 354 -9.02 14.12 2.50
C GLY A 354 -8.06 15.06 3.19
N LEU A 355 -7.20 14.55 4.07
CA LEU A 355 -6.28 15.40 4.82
C LEU A 355 -5.16 15.91 3.94
N PRO A 356 -4.61 15.09 3.04
CA PRO A 356 -3.57 15.61 2.13
C PRO A 356 -4.03 16.78 1.30
N LEU A 357 -5.27 16.77 0.82
CA LEU A 357 -5.77 17.91 0.06
C LEU A 357 -5.87 19.15 0.93
N ALA A 358 -6.36 18.98 2.16
CA ALA A 358 -6.45 20.11 3.07
C ALA A 358 -5.08 20.74 3.33
N TYR A 359 -4.08 19.90 3.58
CA TYR A 359 -2.74 20.42 3.85
C TYR A 359 -2.04 20.92 2.59
N GLN A 360 -2.42 20.43 1.42
CA GLN A 360 -1.90 20.95 0.16
C GLN A 360 -2.49 22.30 -0.21
N GLN A 361 -3.73 22.57 0.21
CA GLN A 361 -4.34 23.87 -0.01
C GLN A 361 -3.94 24.89 1.05
N THR A 362 -3.81 24.49 2.32
CA THR A 362 -3.41 25.41 3.38
C THR A 362 -1.93 25.80 3.30
N SER A 363 -1.16 25.15 2.44
CA SER A 363 0.25 25.47 2.27
C SER A 363 0.55 26.18 0.95
N ALA A 364 -0.34 26.10 -0.03
CA ALA A 364 -0.18 26.86 -1.26
C ALA A 364 -0.48 28.33 -1.02
N PHE A 365 -0.22 29.14 -2.04
CA PHE A 365 -0.40 30.58 -1.94
C PHE A 365 -1.88 30.94 -2.05
N ALA A 366 -2.29 31.94 -1.29
CA ALA A 366 -3.64 32.47 -1.32
C ALA A 366 -3.58 33.92 -1.77
N ARG A 367 -4.38 34.27 -2.77
CA ARG A 367 -4.38 35.63 -3.29
C ARG A 367 -4.83 36.63 -2.23
N GLN A 368 -5.88 36.28 -1.48
CA GLN A 368 -6.44 37.15 -0.47
C GLN A 368 -6.51 36.44 0.88
N PRO A 369 -6.46 37.18 1.99
CA PRO A 369 -6.53 36.52 3.31
C PRO A 369 -7.82 35.74 3.51
N ARG A 370 -8.92 36.20 2.93
CA ARG A 370 -10.19 35.48 3.02
C ARG A 370 -10.03 34.04 2.54
N ASP A 371 -9.26 33.85 1.47
CA ASP A 371 -9.02 32.50 0.97
C ASP A 371 -8.28 31.66 1.99
N GLU A 372 -7.28 32.23 2.66
CA GLU A 372 -6.54 31.47 3.67
C GLU A 372 -7.44 31.08 4.83
N LEU A 373 -8.32 32.00 5.25
CA LEU A 373 -9.26 31.67 6.33
C LEU A 373 -10.19 30.55 5.91
N GLU A 374 -10.71 30.61 4.68
CA GLU A 374 -11.59 29.54 4.19
C GLU A 374 -10.85 28.20 4.15
N ARG A 375 -9.60 28.21 3.71
CA ARG A 375 -8.80 27.00 3.67
C ARG A 375 -8.59 26.42 5.07
N VAL A 376 -8.29 27.28 6.05
CA VAL A 376 -8.15 26.82 7.42
C VAL A 376 -9.45 26.19 7.91
N ARG A 377 -10.58 26.82 7.60
CA ARG A 377 -11.86 26.26 8.02
C ARG A 377 -12.08 24.88 7.42
N VAL A 378 -11.78 24.73 6.13
CA VAL A 378 -11.98 23.44 5.47
C VAL A 378 -11.11 22.37 6.11
N SER A 379 -9.85 22.70 6.36
CA SER A 379 -8.94 21.73 6.96
C SER A 379 -9.40 21.33 8.36
N CYS A 380 -9.83 22.30 9.16
CA CYS A 380 -10.32 22.00 10.49
C CYS A 380 -11.55 21.11 10.43
N THR A 381 -12.45 21.37 9.48
CA THR A 381 -13.64 20.54 9.32
C THR A 381 -13.26 19.10 8.97
N ILE A 382 -12.30 18.94 8.05
CA ILE A 382 -11.89 17.59 7.66
C ILE A 382 -11.28 16.85 8.85
N ILE A 383 -10.43 17.52 9.62
CA ILE A 383 -9.83 16.87 10.78
C ILE A 383 -10.90 16.48 11.80
N PHE A 384 -11.84 17.40 12.06
CA PHE A 384 -12.91 17.10 13.00
C PHE A 384 -13.72 15.89 12.56
N LEU A 385 -14.03 15.80 11.27
CA LEU A 385 -14.77 14.64 10.79
C LEU A 385 -13.96 13.37 10.93
N ALA A 386 -12.67 13.42 10.61
CA ALA A 386 -11.83 12.25 10.73
C ALA A 386 -11.71 11.76 12.17
N SER A 387 -11.81 12.66 13.15
CA SER A 387 -11.56 12.30 14.55
C SER A 387 -12.83 12.07 15.38
N ILE A 388 -13.94 12.72 15.03
CA ILE A 388 -15.15 12.58 15.83
C ILE A 388 -15.73 11.19 15.70
N PHE A 389 -15.62 10.56 14.54
CA PHE A 389 -16.07 9.18 14.39
C PHE A 389 -15.15 8.19 15.09
N GLN A 390 -13.87 8.48 15.19
CA GLN A 390 -12.97 7.71 16.05
C GLN A 390 -13.43 7.77 17.50
N LEU A 391 -13.78 8.96 17.98
CA LEU A 391 -14.32 9.07 19.34
C LEU A 391 -15.68 8.37 19.46
N ALA A 392 -16.48 8.39 18.40
CA ALA A 392 -17.78 7.74 18.43
C ALA A 392 -17.64 6.23 18.53
N MET A 393 -16.61 5.66 17.91
CA MET A 393 -16.34 4.24 18.12
C MET A 393 -16.20 3.91 19.60
N TRP A 394 -15.39 4.69 20.31
CA TRP A 394 -15.17 4.47 21.73
C TRP A 394 -16.46 4.67 22.52
N THR A 395 -17.21 5.72 22.22
CA THR A 395 -18.45 5.96 22.94
C THR A 395 -19.46 4.85 22.72
N THR A 396 -19.59 4.36 21.48
CA THR A 396 -20.49 3.26 21.20
C THR A 396 -20.03 1.97 21.88
N ALA A 397 -18.74 1.70 21.88
CA ALA A 397 -18.23 0.52 22.57
C ALA A 397 -18.53 0.58 24.06
N LEU A 398 -18.49 1.78 24.65
CA LEU A 398 -18.79 1.89 26.06
C LEU A 398 -20.23 1.54 26.38
N LEU A 399 -21.11 1.50 25.38
CA LEU A 399 -22.50 1.12 25.64
C LEU A 399 -22.57 -0.30 26.19
N HIS A 400 -21.81 -1.22 25.60
CA HIS A 400 -21.67 -2.57 26.12
C HIS A 400 -20.18 -2.81 26.35
N GLN A 401 -19.70 -2.36 27.51
CA GLN A 401 -18.27 -2.41 27.79
C GLN A 401 -17.82 -3.81 28.20
N ALA A 402 -18.69 -4.56 28.86
CA ALA A 402 -18.30 -5.88 29.33
C ALA A 402 -17.91 -6.82 28.19
N GLU A 403 -18.33 -6.52 26.97
CA GLU A 403 -18.04 -7.37 25.83
C GLU A 403 -17.07 -6.75 24.84
N THR A 404 -17.10 -5.44 24.64
CA THR A 404 -16.33 -4.80 23.57
C THR A 404 -15.00 -4.24 24.03
N LEU A 405 -14.79 -4.08 25.33
CA LEU A 405 -13.60 -3.41 25.83
C LEU A 405 -12.96 -4.23 26.95
N GLN A 406 -11.64 -4.11 27.06
CA GLN A 406 -10.91 -4.68 28.17
C GLN A 406 -11.26 -3.95 29.46
N PRO A 407 -11.11 -4.60 30.61
CA PRO A 407 -11.55 -4.00 31.88
C PRO A 407 -10.86 -2.68 32.23
N SER A 408 -9.70 -2.43 31.64
CA SER A 408 -8.94 -1.24 32.02
C SER A 408 -9.64 0.04 31.58
N VAL A 409 -10.34 0.01 30.44
CA VAL A 409 -10.89 1.22 29.86
C VAL A 409 -12.40 1.32 30.12
N TRP A 410 -12.91 0.59 31.10
CA TRP A 410 -14.30 0.75 31.52
C TRP A 410 -14.46 2.05 32.27
N PHE A 411 -15.71 2.35 32.63
CA PHE A 411 -15.99 3.48 33.51
C PHE A 411 -15.47 3.16 34.91
N GLY A 412 -14.31 3.69 35.26
CA GLY A 412 -13.71 3.43 36.55
C GLY A 412 -12.39 2.68 36.47
N GLY A 413 -11.64 2.91 35.39
CA GLY A 413 -10.39 2.22 35.17
C GLY A 413 -9.23 3.18 35.02
N ARG A 414 -8.03 2.62 35.05
CA ARG A 414 -6.79 3.40 34.98
C ARG A 414 -6.42 3.79 33.56
N GLU A 415 -7.30 3.58 32.59
CA GLU A 415 -7.08 4.01 31.22
C GLU A 415 -8.30 4.68 30.60
N HIS A 416 -9.40 4.81 31.35
CA HIS A 416 -10.60 5.45 30.82
C HIS A 416 -10.35 6.91 30.46
N VAL A 417 -9.81 7.68 31.40
CA VAL A 417 -9.60 9.10 31.17
C VAL A 417 -8.51 9.34 30.15
N LEU A 418 -7.42 8.58 30.22
CA LEU A 418 -6.38 8.69 29.21
C LEU A 418 -6.95 8.40 27.83
N MET A 419 -7.78 7.37 27.71
CA MET A 419 -8.33 7.01 26.42
C MET A 419 -9.26 8.09 25.90
N PHE A 420 -10.10 8.63 26.78
CA PHE A 420 -10.96 9.74 26.41
C PHE A 420 -10.15 10.92 25.90
N ALA A 421 -9.06 11.27 26.59
CA ALA A 421 -8.22 12.38 26.15
C ALA A 421 -7.60 12.08 24.79
N LYS A 422 -7.06 10.88 24.61
CA LYS A 422 -6.42 10.52 23.36
C LYS A 422 -7.38 10.61 22.18
N LEU A 423 -8.66 10.30 22.41
CA LEU A 423 -9.63 10.35 21.32
C LEU A 423 -10.33 11.70 21.18
N ALA A 424 -10.31 12.54 22.22
CA ALA A 424 -10.99 13.82 22.19
C ALA A 424 -10.04 15.00 22.00
N LEU A 425 -8.74 14.73 21.84
CA LEU A 425 -7.81 15.82 21.61
C LEU A 425 -8.06 16.51 20.27
N TYR A 426 -7.96 15.77 19.17
CA TYR A 426 -8.16 16.36 17.85
C TYR A 426 -9.52 17.03 17.68
N PRO A 427 -10.63 16.40 18.05
CA PRO A 427 -11.92 17.11 17.90
C PRO A 427 -11.94 18.45 18.60
N CYS A 428 -11.46 18.50 19.85
CA CYS A 428 -11.44 19.75 20.59
C CYS A 428 -10.54 20.79 19.93
N ALA A 429 -9.33 20.40 19.52
CA ALA A 429 -8.42 21.37 18.92
C ALA A 429 -8.92 21.87 17.58
N SER A 430 -9.46 20.98 16.74
CA SER A 430 -10.01 21.40 15.46
C SER A 430 -11.20 22.34 15.67
N LEU A 431 -12.07 22.01 16.61
CA LEU A 431 -13.20 22.90 16.90
C LEU A 431 -12.71 24.25 17.42
N LEU A 432 -11.67 24.26 18.25
CA LEU A 432 -11.14 25.50 18.78
C LEU A 432 -10.55 26.37 17.67
N ALA A 433 -9.80 25.76 16.76
CA ALA A 433 -9.25 26.50 15.63
C ALA A 433 -10.36 27.06 14.74
N PHE A 434 -11.36 26.23 14.45
CA PHE A 434 -12.49 26.71 13.66
C PHE A 434 -13.17 27.89 14.34
N ALA A 435 -13.35 27.81 15.67
CA ALA A 435 -13.93 28.92 16.42
C ALA A 435 -13.06 30.15 16.33
N SER A 436 -11.74 30.00 16.44
CA SER A 436 -10.82 31.11 16.26
C SER A 436 -10.98 31.76 14.90
N THR A 437 -11.30 30.98 13.87
CA THR A 437 -11.53 31.55 12.55
C THR A 437 -12.73 32.50 12.52
N CYS A 438 -13.61 32.44 13.52
CA CYS A 438 -14.80 33.28 13.57
C CYS A 438 -14.81 34.26 14.72
N LEU A 439 -13.92 34.10 15.71
CA LEU A 439 -13.88 34.98 16.87
C LEU A 439 -12.57 35.75 16.89
N LEU A 440 -11.46 35.03 16.72
CA LEU A 440 -10.12 35.61 16.66
C LEU A 440 -9.56 35.52 15.24
N SER A 441 -10.41 35.78 14.25
CA SER A 441 -10.02 35.69 12.84
C SER A 441 -8.62 36.22 12.59
N ARG A 442 -8.33 37.42 13.11
CA ARG A 442 -7.03 38.04 12.87
C ARG A 442 -5.88 37.17 13.38
N PHE A 443 -6.12 36.41 14.45
CA PHE A 443 -5.11 35.50 15.00
C PHE A 443 -5.44 34.04 14.70
N SER A 444 -6.30 33.80 13.70
CA SER A 444 -6.76 32.45 13.43
C SER A 444 -5.75 31.61 12.68
N VAL A 445 -5.21 32.12 11.57
CA VAL A 445 -4.27 31.33 10.77
C VAL A 445 -3.07 30.93 11.60
N GLY A 446 -2.63 31.79 12.51
CA GLY A 446 -1.55 31.41 13.40
C GLY A 446 -1.93 30.27 14.32
N ILE A 447 -3.13 30.35 14.91
CA ILE A 447 -3.56 29.32 15.84
C ILE A 447 -3.47 27.95 15.20
N PHE A 448 -4.01 27.82 13.98
CA PHE A 448 -3.94 26.54 13.28
C PHE A 448 -2.50 26.03 13.24
N HIS A 449 -1.56 26.89 12.85
CA HIS A 449 -0.17 26.46 12.81
C HIS A 449 0.29 25.97 14.18
N LEU A 450 -0.04 26.72 15.23
CA LEU A 450 0.34 26.28 16.57
C LEU A 450 -0.23 24.91 16.88
N MET A 451 -1.47 24.65 16.43
CA MET A 451 -2.04 23.32 16.62
C MET A 451 -1.11 22.25 16.08
N GLN A 452 -0.59 22.45 14.86
CA GLN A 452 0.30 21.47 14.25
C GLN A 452 1.53 21.17 15.11
N ILE A 453 1.93 22.06 16.00
CA ILE A 453 3.02 21.80 16.92
C ILE A 453 2.50 21.33 18.27
N ALA A 454 1.39 21.90 18.74
CA ALA A 454 0.95 21.61 20.10
C ALA A 454 0.37 20.21 20.23
N VAL A 455 -0.43 19.79 19.26
CA VAL A 455 -1.11 18.49 19.38
C VAL A 455 -0.11 17.35 19.49
N PRO A 456 0.93 17.27 18.67
CA PRO A 456 1.95 16.24 18.90
C PRO A 456 2.54 16.27 20.29
N CYS A 457 2.94 17.45 20.77
CA CYS A 457 3.53 17.53 22.11
C CYS A 457 2.57 17.04 23.16
N ALA A 458 1.30 17.42 23.07
CA ALA A 458 0.29 16.96 24.01
C ALA A 458 0.14 15.44 23.99
N PHE A 459 0.50 14.78 22.89
CA PHE A 459 0.51 13.32 22.89
C PHE A 459 1.73 12.76 23.61
N LEU A 460 2.87 13.43 23.51
CA LEU A 460 4.06 12.98 24.21
C LEU A 460 3.98 13.22 25.71
N LEU A 461 3.01 14.02 26.15
CA LEU A 461 2.87 14.37 27.56
C LEU A 461 1.45 14.13 28.04
N LEU A 462 0.69 13.29 27.34
CA LEU A 462 -0.72 13.12 27.67
C LEU A 462 -0.90 12.50 29.06
N ARG A 463 -0.03 11.56 29.43
CA ARG A 463 -0.05 11.06 30.80
C ARG A 463 0.09 12.21 31.79
N LEU A 464 1.11 13.05 31.60
CA LEU A 464 1.38 14.16 32.50
C LEU A 464 0.20 15.13 32.51
N LEU A 465 -0.30 15.51 31.34
CA LEU A 465 -1.37 16.49 31.27
C LEU A 465 -2.64 15.98 31.91
N VAL A 466 -2.97 14.72 31.66
CA VAL A 466 -4.16 14.12 32.27
C VAL A 466 -4.02 14.05 33.78
N GLY A 467 -2.83 13.67 34.27
CA GLY A 467 -2.62 13.67 35.71
C GLY A 467 -2.78 15.05 36.32
N LEU A 468 -2.20 16.07 35.66
CA LEU A 468 -2.31 17.43 36.17
C LEU A 468 -3.76 17.90 36.18
N ALA A 469 -4.52 17.59 35.13
CA ALA A 469 -5.91 17.99 35.08
C ALA A 469 -6.79 17.22 36.07
N LEU A 470 -6.44 15.97 36.36
CA LEU A 470 -7.16 15.19 37.35
C LEU A 470 -6.83 15.61 38.78
N ALA A 471 -5.66 16.21 39.01
CA ALA A 471 -5.31 16.78 40.30
C ALA A 471 -5.86 18.18 40.51
N THR A 472 -5.81 19.03 39.48
CA THR A 472 -6.38 20.37 39.58
C THR A 472 -7.84 20.30 40.02
N LEU A 473 -8.67 19.62 39.24
CA LEU A 473 -10.07 19.43 39.61
C LEU A 473 -10.22 18.65 40.91
N ARG A 474 -9.19 17.93 41.34
CA ARG A 474 -9.18 17.30 42.65
C ARG A 474 -9.03 18.32 43.78
N VAL A 475 -8.38 19.45 43.51
CA VAL A 475 -8.24 20.52 44.50
C VAL A 475 -9.14 21.71 44.21
N LEU A 476 -10.02 21.63 43.21
CA LEU A 476 -11.01 22.67 42.96
C LEU A 476 -12.40 22.18 43.30
N ILE B 30 2.68 -0.98 29.18
CA ILE B 30 3.34 -1.88 28.24
C ILE B 30 2.31 -2.53 27.33
N GLN B 31 2.58 -2.49 26.02
CA GLN B 31 1.65 -2.96 25.01
C GLN B 31 2.36 -3.81 23.99
N CYS B 32 1.57 -4.58 23.24
CA CYS B 32 2.12 -5.43 22.19
C CYS B 32 2.49 -4.58 20.97
N SER B 33 3.57 -4.99 20.30
CA SER B 33 4.15 -4.21 19.21
C SER B 33 3.77 -4.72 17.84
N GLN B 34 2.86 -5.68 17.74
CA GLN B 34 2.58 -6.36 16.48
C GLN B 34 2.04 -5.39 15.42
N ARG B 35 0.98 -4.66 15.77
CA ARG B 35 0.33 -3.79 14.80
C ARG B 35 1.19 -2.61 14.39
N MET B 36 1.97 -2.07 15.32
CA MET B 36 2.88 -0.98 15.02
C MET B 36 3.93 -1.40 14.00
N LEU B 37 4.46 -2.61 14.14
CA LEU B 37 5.43 -3.13 13.18
C LEU B 37 4.77 -3.45 11.84
N SER B 38 3.52 -3.91 11.84
CA SER B 38 2.81 -4.10 10.58
C SER B 38 2.62 -2.78 9.84
N PHE B 39 2.25 -1.72 10.56
CA PHE B 39 2.12 -0.39 9.98
C PHE B 39 3.44 0.08 9.40
N SER B 40 4.53 -0.13 10.16
CA SER B 40 5.85 0.23 9.67
C SER B 40 6.20 -0.53 8.40
N ASP B 41 5.87 -1.81 8.35
CA ASP B 41 6.13 -2.61 7.15
C ASP B 41 5.39 -2.05 5.95
N ALA B 42 4.11 -1.68 6.12
CA ALA B 42 3.36 -1.12 5.02
C ALA B 42 4.00 0.17 4.51
N LEU B 43 4.37 1.07 5.43
CA LEU B 43 5.03 2.30 5.02
C LEU B 43 6.33 2.02 4.28
N LEU B 44 7.14 1.11 4.81
CA LEU B 44 8.42 0.82 4.20
C LEU B 44 8.25 0.20 2.82
N SER B 45 7.22 -0.62 2.62
CA SER B 45 6.94 -1.16 1.29
C SER B 45 6.62 -0.04 0.31
N ILE B 46 5.75 0.89 0.72
CA ILE B 46 5.43 2.02 -0.16
C ILE B 46 6.68 2.80 -0.52
N ILE B 47 7.52 3.07 0.46
CA ILE B 47 8.71 3.88 0.22
C ILE B 47 9.72 3.15 -0.65
N ALA B 48 9.87 1.83 -0.48
CA ALA B 48 10.76 1.05 -1.32
C ALA B 48 10.25 0.92 -2.75
N THR B 49 8.95 1.02 -2.98
CA THR B 49 8.40 0.92 -4.33
C THR B 49 8.05 2.24 -4.98
N VAL B 50 8.30 3.38 -4.31
CA VAL B 50 7.97 4.67 -4.91
C VAL B 50 8.61 4.83 -6.29
N MET B 51 9.89 4.49 -6.43
CA MET B 51 10.64 4.78 -7.65
C MET B 51 10.27 3.89 -8.83
N ILE B 52 9.30 2.99 -8.70
CA ILE B 52 8.85 2.23 -9.86
C ILE B 52 7.86 3.01 -10.71
N LEU B 53 7.22 4.03 -10.14
CA LEU B 53 6.23 4.83 -10.83
C LEU B 53 6.82 5.60 -12.00
N PRO B 54 7.95 6.31 -11.82
CA PRO B 54 8.56 6.99 -12.98
C PRO B 54 8.98 6.03 -14.09
N VAL B 55 9.43 4.82 -13.74
CA VAL B 55 9.79 3.84 -14.77
C VAL B 55 8.56 3.48 -15.59
N THR B 56 7.45 3.23 -14.92
CA THR B 56 6.23 2.73 -15.54
C THR B 56 5.41 3.84 -16.19
N HIS B 57 5.73 5.11 -15.90
CA HIS B 57 5.07 6.24 -16.51
C HIS B 57 5.77 6.71 -17.79
N THR B 58 6.88 6.07 -18.15
CA THR B 58 7.60 6.41 -19.37
C THR B 58 6.83 5.90 -20.58
N GLU B 59 7.06 6.56 -21.72
CA GLU B 59 6.33 6.28 -22.95
C GLU B 59 7.25 5.65 -23.98
N ILE B 60 6.63 4.96 -24.93
CA ILE B 60 7.35 4.36 -26.06
C ILE B 60 7.35 5.36 -27.20
N SER B 61 8.53 5.76 -27.65
CA SER B 61 8.64 6.79 -28.67
C SER B 61 8.26 6.21 -30.04
N PRO B 62 7.39 6.88 -30.80
CA PRO B 62 7.13 6.40 -32.17
C PRO B 62 8.29 6.69 -33.11
N GLU B 63 8.89 7.87 -33.02
CA GLU B 63 10.02 8.22 -33.86
C GLU B 63 11.24 7.41 -33.43
N GLN B 64 11.83 6.67 -34.36
CA GLN B 64 13.00 5.85 -34.04
C GLN B 64 14.19 6.72 -33.66
N GLN B 65 14.28 7.93 -34.22
CA GLN B 65 15.38 8.82 -33.84
C GLN B 65 15.40 9.08 -32.35
N PHE B 66 14.24 9.06 -31.71
CA PHE B 66 14.15 9.28 -30.27
C PHE B 66 14.49 8.03 -29.47
N ASP B 67 14.33 6.84 -30.06
CA ASP B 67 14.51 5.59 -29.34
C ASP B 67 15.73 5.64 -28.43
N ARG B 68 16.91 5.88 -29.02
CA ARG B 68 18.14 5.97 -28.24
C ARG B 68 17.91 6.75 -26.95
N SER B 69 17.56 8.04 -27.10
CA SER B 69 17.32 8.86 -25.91
C SER B 69 16.30 8.21 -24.99
N VAL B 70 15.14 7.85 -25.53
CA VAL B 70 14.08 7.28 -24.71
C VAL B 70 14.50 5.96 -24.09
N GLN B 71 15.50 5.29 -24.66
CA GLN B 71 16.08 4.14 -23.99
C GLN B 71 16.94 4.57 -22.81
N ARG B 72 17.90 5.46 -23.05
CA ARG B 72 18.79 5.92 -21.99
C ARG B 72 18.01 6.29 -20.75
N LEU B 73 17.05 7.22 -20.89
CA LEU B 73 16.27 7.65 -19.74
C LEU B 73 15.70 6.47 -18.99
N LEU B 74 15.05 5.55 -19.71
CA LEU B 74 14.47 4.40 -19.05
C LEU B 74 15.49 3.68 -18.18
N ALA B 75 16.66 3.38 -18.76
CA ALA B 75 17.70 2.73 -17.98
C ALA B 75 18.04 3.53 -16.74
N THR B 76 18.27 4.83 -16.90
CA THR B 76 18.62 5.66 -15.75
C THR B 76 17.55 5.59 -14.68
N ARG B 77 16.29 5.45 -15.09
CA ARG B 77 15.23 5.29 -14.12
C ARG B 77 15.31 3.93 -13.44
N ILE B 78 15.45 2.86 -14.23
CA ILE B 78 15.43 1.52 -13.67
C ILE B 78 16.55 1.37 -12.65
N ALA B 79 17.76 1.78 -13.00
CA ALA B 79 18.86 1.76 -12.04
C ALA B 79 18.46 2.46 -10.75
N VAL B 80 17.92 3.67 -10.86
CA VAL B 80 17.57 4.42 -9.67
C VAL B 80 16.54 3.65 -8.84
N TYR B 81 15.63 2.95 -9.50
CA TYR B 81 14.71 2.09 -8.78
C TYR B 81 15.47 1.01 -8.01
N LEU B 82 16.33 0.26 -8.71
CA LEU B 82 16.95 -0.90 -8.08
C LEU B 82 17.76 -0.50 -6.87
N MET B 83 18.55 0.56 -6.98
CA MET B 83 19.28 1.06 -5.84
C MET B 83 18.34 1.49 -4.72
N THR B 84 17.33 2.29 -5.06
CA THR B 84 16.45 2.82 -4.03
C THR B 84 15.78 1.69 -3.26
N PHE B 85 15.15 0.76 -3.97
CA PHE B 85 14.52 -0.38 -3.32
C PHE B 85 15.49 -1.07 -2.38
N LEU B 86 16.75 -1.18 -2.77
CA LEU B 86 17.74 -1.79 -1.89
C LEU B 86 17.98 -0.94 -0.65
N ILE B 87 18.23 0.36 -0.83
CA ILE B 87 18.58 1.20 0.31
C ILE B 87 17.48 1.15 1.35
N VAL B 88 16.24 1.39 0.93
CA VAL B 88 15.12 1.33 1.86
C VAL B 88 15.07 -0.03 2.54
N THR B 89 15.26 -1.09 1.77
CA THR B 89 15.26 -2.43 2.34
C THR B 89 16.28 -2.55 3.47
N VAL B 90 17.48 -2.02 3.26
CA VAL B 90 18.47 -2.04 4.33
C VAL B 90 17.89 -1.38 5.57
N ALA B 91 17.32 -0.19 5.42
CA ALA B 91 16.67 0.46 6.55
C ALA B 91 15.63 -0.46 7.17
N TRP B 92 14.76 -1.05 6.35
CA TRP B 92 13.77 -1.98 6.86
C TRP B 92 14.43 -3.04 7.72
N ALA B 93 15.51 -3.64 7.22
CA ALA B 93 16.19 -4.65 8.01
C ALA B 93 16.66 -4.10 9.34
N ALA B 94 17.30 -2.92 9.32
CA ALA B 94 17.75 -2.32 10.56
C ALA B 94 16.58 -2.09 11.51
N HIS B 95 15.40 -1.78 10.95
CA HIS B 95 14.21 -1.67 11.78
C HIS B 95 13.81 -3.02 12.36
N THR B 96 13.69 -4.03 11.51
CA THR B 96 13.22 -5.34 11.94
C THR B 96 14.01 -5.83 13.13
N ARG B 97 15.29 -5.57 13.10
CA ARG B 97 16.25 -6.07 14.05
C ARG B 97 16.21 -5.29 15.36
N LEU B 98 15.94 -3.98 15.27
CA LEU B 98 15.85 -3.14 16.45
C LEU B 98 14.71 -3.59 17.34
N PHE B 99 13.56 -3.86 16.76
CA PHE B 99 12.37 -4.25 17.51
C PHE B 99 12.30 -5.75 17.74
N GLN B 100 13.37 -6.47 17.43
CA GLN B 100 13.65 -7.74 18.07
C GLN B 100 14.39 -7.57 19.39
N VAL B 101 15.06 -6.44 19.57
CA VAL B 101 15.62 -6.07 20.86
C VAL B 101 14.60 -5.36 21.75
N VAL B 102 13.65 -4.66 21.15
CA VAL B 102 12.56 -4.00 21.86
C VAL B 102 11.32 -4.83 21.59
N GLY B 103 11.03 -5.78 22.48
CA GLY B 103 9.95 -6.72 22.23
C GLY B 103 8.57 -6.13 22.47
N LYS B 104 8.47 -5.09 23.28
CA LYS B 104 7.21 -4.48 23.64
C LYS B 104 7.29 -2.97 23.46
N THR B 105 6.15 -2.37 23.16
CA THR B 105 6.07 -0.97 22.80
C THR B 105 5.27 -0.20 23.85
N ASP B 106 5.35 1.12 23.75
CA ASP B 106 4.51 2.03 24.52
C ASP B 106 4.15 3.20 23.62
N ASP B 107 3.54 4.24 24.22
CA ASP B 107 3.11 5.39 23.44
C ASP B 107 4.30 6.17 22.89
N THR B 108 5.27 6.45 23.76
CA THR B 108 6.46 7.19 23.34
C THR B 108 7.22 6.44 22.25
N LEU B 109 7.38 5.13 22.40
CA LEU B 109 8.10 4.36 21.40
C LEU B 109 7.36 4.36 20.06
N ALA B 110 6.03 4.27 20.10
CA ALA B 110 5.26 4.32 18.85
C ALA B 110 5.42 5.67 18.16
N LEU B 111 5.39 6.76 18.91
CA LEU B 111 5.58 8.07 18.31
C LEU B 111 6.98 8.24 17.73
N LEU B 112 8.00 7.77 18.46
CA LEU B 112 9.35 7.84 17.93
C LEU B 112 9.52 6.96 16.70
N ASN B 113 8.81 5.83 16.64
CA ASN B 113 8.83 5.01 15.44
C ASN B 113 8.15 5.72 14.27
N LEU B 114 7.09 6.47 14.54
CA LEU B 114 6.51 7.31 13.50
C LEU B 114 7.53 8.32 12.98
N ALA B 115 8.30 8.92 13.88
CA ALA B 115 9.36 9.82 13.47
C ALA B 115 10.40 9.12 12.60
N CYS B 116 10.81 7.91 12.99
CA CYS B 116 11.78 7.16 12.21
C CYS B 116 11.24 6.83 10.82
N MET B 117 9.97 6.44 10.73
CA MET B 117 9.35 6.22 9.43
C MET B 117 9.36 7.49 8.59
N MET B 118 9.03 8.63 9.20
CA MET B 118 9.11 9.89 8.47
C MET B 118 10.50 10.10 7.90
N THR B 119 11.53 9.89 8.70
CA THR B 119 12.90 10.07 8.21
C THR B 119 13.22 9.11 7.08
N ILE B 120 12.83 7.84 7.20
CA ILE B 120 13.12 6.88 6.14
C ILE B 120 12.41 7.27 4.86
N THR B 121 11.26 7.91 4.97
CA THR B 121 10.46 8.27 3.80
C THR B 121 11.16 9.27 2.88
N PHE B 122 12.23 9.93 3.33
CA PHE B 122 12.91 10.93 2.51
C PHE B 122 14.10 10.38 1.74
N LEU B 123 14.47 9.11 1.96
CA LEU B 123 15.66 8.53 1.35
C LEU B 123 15.58 8.50 -0.17
N PRO B 124 14.47 8.05 -0.77
CA PRO B 124 14.40 8.02 -2.23
C PRO B 124 14.57 9.38 -2.88
N TYR B 125 13.93 10.41 -2.33
CA TYR B 125 14.05 11.75 -2.91
C TYR B 125 15.48 12.25 -2.86
N THR B 126 16.14 12.09 -1.71
CA THR B 126 17.50 12.55 -1.57
C THR B 126 18.48 11.77 -2.42
N PHE B 127 18.29 10.46 -2.58
CA PHE B 127 19.13 9.67 -3.46
C PHE B 127 18.95 10.05 -4.92
N SER B 128 17.71 10.24 -5.36
CA SER B 128 17.46 10.71 -6.72
C SER B 128 18.08 12.08 -6.95
N LEU B 129 17.98 12.97 -5.96
CA LEU B 129 18.61 14.28 -6.04
C LEU B 129 20.13 14.17 -6.15
N MET B 130 20.73 13.27 -5.38
CA MET B 130 22.17 13.09 -5.41
C MET B 130 22.66 12.53 -6.74
N VAL B 131 21.91 11.60 -7.33
CA VAL B 131 22.32 11.04 -8.62
C VAL B 131 21.99 11.97 -9.79
N THR B 132 20.99 12.84 -9.64
CA THR B 132 20.64 13.76 -10.72
C THR B 132 21.61 14.93 -10.81
N PHE B 133 22.14 15.36 -9.67
CA PHE B 133 23.11 16.46 -9.59
C PHE B 133 24.38 15.94 -8.95
N PRO B 134 25.16 15.13 -9.69
CA PRO B 134 26.37 14.56 -9.08
C PRO B 134 27.39 15.60 -8.64
N ASP B 135 27.56 16.66 -9.43
CA ASP B 135 28.59 17.65 -9.10
C ASP B 135 28.17 18.55 -7.95
N VAL B 136 26.89 18.86 -7.83
CA VAL B 136 26.42 19.72 -6.74
C VAL B 136 26.62 19.01 -5.41
N PRO B 137 27.25 19.64 -4.41
CA PRO B 137 27.50 18.96 -3.14
C PRO B 137 26.28 18.85 -2.23
N LEU B 138 25.21 19.58 -2.52
CA LEU B 138 24.06 19.61 -1.62
C LEU B 138 23.36 18.26 -1.55
N GLY B 139 23.34 17.51 -2.65
CA GLY B 139 22.63 16.24 -2.66
C GLY B 139 23.24 15.21 -1.73
N ILE B 140 24.57 15.09 -1.78
CA ILE B 140 25.26 14.19 -0.86
C ILE B 140 24.99 14.61 0.57
N PHE B 141 25.02 15.91 0.84
CA PHE B 141 24.79 16.42 2.19
C PHE B 141 23.40 16.04 2.67
N LEU B 142 22.37 16.21 1.83
CA LEU B 142 21.01 15.89 2.25
C LEU B 142 20.79 14.40 2.44
N PHE B 143 21.37 13.56 1.56
CA PHE B 143 21.27 12.12 1.74
C PHE B 143 21.94 11.67 3.04
N CYS B 144 23.13 12.22 3.32
CA CYS B 144 23.82 11.89 4.57
C CYS B 144 23.00 12.34 5.77
N VAL B 145 22.37 13.52 5.69
CA VAL B 145 21.54 13.99 6.79
C VAL B 145 20.37 13.06 7.02
N CYS B 146 19.73 12.58 5.96
CA CYS B 146 18.64 11.62 6.13
C CYS B 146 19.12 10.37 6.86
N VAL B 147 20.25 9.80 6.42
CA VAL B 147 20.74 8.59 7.07
C VAL B 147 21.09 8.86 8.53
N ILE B 148 21.75 9.99 8.79
CA ILE B 148 22.13 10.34 10.15
C ILE B 148 20.90 10.47 11.03
N ALA B 149 19.85 11.10 10.52
CA ALA B 149 18.63 11.27 11.30
C ALA B 149 18.00 9.93 11.63
N ILE B 150 17.98 9.01 10.66
CA ILE B 150 17.50 7.66 10.95
C ILE B 150 18.28 7.06 12.11
N GLY B 151 19.61 7.19 12.06
CA GLY B 151 20.43 6.65 13.14
C GLY B 151 20.13 7.29 14.47
N VAL B 152 19.94 8.62 14.50
CA VAL B 152 19.67 9.32 15.75
C VAL B 152 18.36 8.84 16.35
N VAL B 153 17.32 8.72 15.53
CA VAL B 153 16.03 8.29 16.06
C VAL B 153 16.13 6.87 16.61
N GLN B 154 16.84 5.99 15.91
CA GLN B 154 16.96 4.62 16.41
C GLN B 154 17.77 4.57 17.71
N ALA B 155 18.81 5.39 17.82
CA ALA B 155 19.54 5.48 19.08
C ALA B 155 18.64 5.95 20.21
N LEU B 156 17.77 6.93 19.93
CA LEU B 156 16.84 7.39 20.95
C LEU B 156 15.92 6.26 21.40
N ILE B 157 15.41 5.49 20.44
CA ILE B 157 14.53 4.37 20.77
C ILE B 157 15.27 3.37 21.67
N VAL B 158 16.51 3.04 21.31
CA VAL B 158 17.25 2.04 22.08
C VAL B 158 17.55 2.56 23.48
N GLY B 159 17.94 3.82 23.61
CA GLY B 159 18.17 4.38 24.92
C GLY B 159 16.92 4.39 25.79
N TYR B 160 15.79 4.76 25.19
CA TYR B 160 14.53 4.73 25.93
C TYR B 160 14.23 3.32 26.42
N ALA B 161 14.42 2.33 25.55
CA ALA B 161 14.12 0.96 25.94
C ALA B 161 15.05 0.46 27.03
N PHE B 162 16.31 0.89 27.00
CA PHE B 162 17.28 0.46 28.00
C PHE B 162 17.18 1.22 29.31
N HIS B 163 16.51 2.37 29.32
CA HIS B 163 16.20 3.05 30.57
C HIS B 163 14.91 2.54 31.20
N PHE B 164 14.12 1.77 30.46
CA PHE B 164 12.93 1.08 30.97
C PHE B 164 13.06 -0.39 30.57
N PRO B 165 13.82 -1.18 31.35
CA PRO B 165 14.21 -2.52 30.89
C PRO B 165 13.04 -3.44 30.57
N HIS B 166 11.87 -3.17 31.16
CA HIS B 166 10.72 -4.02 30.89
C HIS B 166 10.25 -3.94 29.45
N LEU B 167 10.72 -2.96 28.69
CA LEU B 167 10.42 -2.87 27.27
C LEU B 167 11.36 -3.71 26.41
N LEU B 168 12.45 -4.21 26.98
CA LEU B 168 13.42 -5.00 26.23
C LEU B 168 12.98 -6.45 26.17
N SER B 169 13.45 -7.15 25.14
CA SER B 169 13.10 -8.54 24.97
C SER B 169 13.69 -9.37 26.11
N PRO B 170 13.06 -10.49 26.47
CA PRO B 170 13.56 -11.27 27.61
C PRO B 170 15.00 -11.70 27.46
N GLN B 171 15.43 -12.06 26.25
CA GLN B 171 16.82 -12.45 26.03
C GLN B 171 17.79 -11.30 26.26
N ILE B 172 17.31 -10.06 26.18
CA ILE B 172 18.14 -8.89 26.49
C ILE B 172 18.05 -8.48 27.95
N GLN B 173 17.18 -9.13 28.73
CA GLN B 173 17.01 -8.77 30.13
C GLN B 173 17.20 -9.98 31.03
N GLU B 254 21.89 -12.93 12.78
CA GLU B 254 21.73 -14.09 11.93
C GLU B 254 20.25 -14.37 11.64
N PRO B 255 19.45 -14.61 12.68
CA PRO B 255 18.02 -14.84 12.46
C PRO B 255 17.30 -13.58 12.04
N LEU B 256 16.20 -13.77 11.31
CA LEU B 256 15.36 -12.68 10.83
C LEU B 256 13.91 -13.02 11.09
N SER B 257 13.17 -12.05 11.64
CA SER B 257 11.77 -12.28 11.96
C SER B 257 10.99 -12.49 10.68
N LYS B 258 10.33 -13.64 10.57
CA LYS B 258 9.62 -13.95 9.34
C LYS B 258 8.30 -13.20 9.23
N GLU B 259 7.68 -12.82 10.34
CA GLU B 259 6.48 -12.01 10.28
C GLU B 259 6.72 -10.71 9.50
N ARG B 260 7.81 -10.02 9.83
CA ARG B 260 8.16 -8.79 9.12
C ARG B 260 8.42 -9.06 7.65
N VAL B 261 9.13 -10.16 7.35
CA VAL B 261 9.43 -10.51 5.98
C VAL B 261 8.15 -10.70 5.18
N GLU B 262 7.21 -11.47 5.74
CA GLU B 262 5.94 -11.71 5.04
C GLU B 262 5.14 -10.43 4.86
N ALA B 263 5.09 -9.57 5.88
CA ALA B 263 4.33 -8.34 5.73
C ALA B 263 4.92 -7.44 4.64
N PHE B 264 6.25 -7.27 4.67
CA PHE B 264 6.92 -6.47 3.65
C PHE B 264 6.66 -7.03 2.25
N SER B 265 6.84 -8.35 2.10
CA SER B 265 6.64 -8.98 0.80
C SER B 265 5.20 -8.82 0.33
N ASP B 266 4.24 -9.01 1.23
CA ASP B 266 2.84 -8.84 0.89
C ASP B 266 2.56 -7.45 0.35
N GLY B 267 3.06 -6.43 1.04
CA GLY B 267 2.84 -5.07 0.58
C GLY B 267 3.45 -4.81 -0.78
N VAL B 268 4.69 -5.26 -0.99
CA VAL B 268 5.34 -5.06 -2.28
C VAL B 268 4.54 -5.75 -3.39
N TYR B 269 4.12 -6.99 -3.14
CA TYR B 269 3.37 -7.74 -4.13
C TYR B 269 2.07 -7.03 -4.49
N ALA B 270 1.34 -6.56 -3.47
CA ALA B 270 0.07 -5.88 -3.73
C ALA B 270 0.27 -4.61 -4.54
N ILE B 271 1.29 -3.81 -4.19
CA ILE B 271 1.56 -2.59 -4.94
C ILE B 271 1.86 -2.91 -6.40
N VAL B 272 2.76 -3.87 -6.63
CA VAL B 272 3.15 -4.20 -7.99
C VAL B 272 1.97 -4.78 -8.77
N ALA B 273 1.06 -5.48 -8.08
CA ALA B 273 -0.09 -6.05 -8.75
C ALA B 273 -1.11 -5.00 -9.18
N THR B 274 -1.32 -3.96 -8.38
CA THR B 274 -2.34 -2.95 -8.69
C THR B 274 -1.77 -1.70 -9.35
N LEU B 275 -0.46 -1.68 -9.63
CA LEU B 275 0.17 -0.52 -10.24
C LEU B 275 -0.55 -0.05 -11.49
N LEU B 276 -0.83 -0.97 -12.41
CA LEU B 276 -1.39 -0.57 -13.70
C LEU B 276 -2.86 -0.21 -13.64
N ILE B 277 -3.62 -0.87 -12.76
CA ILE B 277 -5.01 -0.47 -12.61
C ILE B 277 -5.12 0.92 -12.01
N LEU B 278 -4.17 1.30 -11.15
CA LEU B 278 -4.18 2.68 -10.65
C LEU B 278 -4.06 3.68 -11.79
N ASP B 279 -3.13 3.46 -12.71
CA ASP B 279 -2.99 4.34 -13.86
C ASP B 279 -4.22 4.30 -14.76
N ILE B 280 -4.80 3.12 -14.96
CA ILE B 280 -6.00 3.04 -15.78
C ILE B 280 -7.12 3.88 -15.17
N CYS B 281 -7.30 3.80 -13.87
CA CYS B 281 -8.31 4.62 -13.19
C CYS B 281 -8.01 6.10 -13.27
N GLU B 282 -6.74 6.51 -13.14
CA GLU B 282 -6.39 7.92 -13.19
C GLU B 282 -6.48 8.54 -14.58
N ASP B 283 -6.10 7.82 -15.64
CA ASP B 283 -5.85 8.46 -16.93
C ASP B 283 -6.73 7.96 -18.05
N ASN B 284 -7.06 6.66 -18.07
CA ASN B 284 -7.69 6.04 -19.21
C ASN B 284 -9.20 5.87 -19.05
N VAL B 285 -9.85 6.76 -18.31
CA VAL B 285 -11.30 6.84 -18.26
C VAL B 285 -11.74 7.77 -19.40
N PRO B 286 -12.47 7.28 -20.40
CA PRO B 286 -12.75 8.12 -21.57
C PRO B 286 -13.46 9.41 -21.21
N ASP B 287 -13.07 10.48 -21.89
CA ASP B 287 -13.68 11.80 -21.80
C ASP B 287 -14.88 11.86 -22.74
N PRO B 288 -16.05 12.33 -22.27
CA PRO B 288 -17.15 12.56 -23.21
C PRO B 288 -16.74 13.39 -24.42
N LYS B 289 -15.80 14.32 -24.21
CA LYS B 289 -15.27 15.12 -25.30
C LYS B 289 -14.56 14.25 -26.35
N ASP B 290 -13.62 13.42 -25.90
CA ASP B 290 -12.91 12.55 -26.83
C ASP B 290 -13.86 11.57 -27.50
N VAL B 291 -14.86 11.09 -26.75
CA VAL B 291 -15.84 10.18 -27.32
C VAL B 291 -16.67 10.86 -28.39
N LYS B 292 -16.96 12.14 -28.24
CA LYS B 292 -17.74 12.88 -29.24
C LYS B 292 -16.90 13.37 -30.41
N GLU B 293 -15.57 13.43 -30.27
CA GLU B 293 -14.72 13.97 -31.32
C GLU B 293 -13.96 12.92 -32.11
N ARG B 294 -13.34 11.93 -31.45
CA ARG B 294 -12.47 10.98 -32.13
C ARG B 294 -13.04 9.59 -32.28
N PHE B 295 -14.11 9.24 -31.56
CA PHE B 295 -14.66 7.89 -31.61
C PHE B 295 -16.10 7.86 -32.08
N SER B 296 -16.61 8.97 -32.65
CA SER B 296 -17.91 9.03 -33.28
C SER B 296 -19.07 8.86 -32.30
N GLY B 297 -18.83 9.01 -31.00
CA GLY B 297 -19.87 8.94 -30.00
C GLY B 297 -20.00 7.60 -29.32
N SER B 298 -19.37 6.56 -29.83
CA SER B 298 -19.45 5.24 -29.23
C SER B 298 -18.40 5.10 -28.14
N LEU B 299 -18.85 4.97 -26.89
CA LEU B 299 -17.95 4.69 -25.79
C LEU B 299 -17.35 3.30 -25.88
N VAL B 300 -18.03 2.37 -26.55
CA VAL B 300 -17.45 1.05 -26.76
C VAL B 300 -16.17 1.14 -27.57
N ALA B 301 -16.15 1.96 -28.61
CA ALA B 301 -14.93 2.18 -29.40
C ALA B 301 -13.83 2.85 -28.58
N ALA B 302 -14.19 3.88 -27.80
CA ALA B 302 -13.20 4.55 -26.98
C ALA B 302 -12.60 3.61 -25.94
N LEU B 303 -13.38 2.66 -25.45
CA LEU B 303 -12.87 1.67 -24.53
C LEU B 303 -12.07 0.58 -25.21
N SER B 304 -12.46 0.23 -26.44
CA SER B 304 -11.69 -0.73 -27.22
C SER B 304 -10.32 -0.18 -27.57
N ALA B 305 -10.20 1.13 -27.73
CA ALA B 305 -8.92 1.78 -27.95
C ALA B 305 -8.04 1.81 -26.69
N THR B 306 -8.53 1.27 -25.57
CA THR B 306 -7.75 1.15 -24.35
C THR B 306 -7.57 -0.30 -23.91
N GLY B 307 -7.89 -1.26 -24.78
CA GLY B 307 -7.83 -2.66 -24.43
C GLY B 307 -6.44 -3.16 -24.09
N PRO B 308 -5.42 -2.70 -24.83
CA PRO B 308 -4.06 -3.16 -24.53
C PRO B 308 -3.64 -2.91 -23.09
N ARG B 309 -4.04 -1.80 -22.50
CA ARG B 309 -3.68 -1.50 -21.12
C ARG B 309 -4.38 -2.44 -20.15
N PHE B 310 -5.64 -2.76 -20.42
CA PHE B 310 -6.34 -3.75 -19.62
C PHE B 310 -5.69 -5.13 -19.72
N LEU B 311 -5.27 -5.51 -20.93
CA LEU B 311 -4.56 -6.78 -21.09
C LEU B 311 -3.27 -6.79 -20.28
N ALA B 312 -2.53 -5.69 -20.34
CA ALA B 312 -1.30 -5.59 -19.55
C ALA B 312 -1.59 -5.75 -18.06
N TYR B 313 -2.63 -5.08 -17.57
CA TYR B 313 -2.96 -5.19 -16.15
C TYR B 313 -3.37 -6.60 -15.80
N PHE B 314 -4.20 -7.24 -16.63
CA PHE B 314 -4.60 -8.62 -16.36
C PHE B 314 -3.39 -9.52 -16.22
N GLY B 315 -2.49 -9.47 -17.20
CA GLY B 315 -1.31 -10.32 -17.17
C GLY B 315 -0.43 -10.05 -15.97
N SER B 316 -0.15 -8.78 -15.71
CA SER B 316 0.73 -8.42 -14.61
C SER B 316 0.15 -8.85 -13.28
N PHE B 317 -1.14 -8.60 -13.07
CA PHE B 317 -1.78 -8.99 -11.82
C PHE B 317 -1.75 -10.50 -11.65
N ALA B 318 -2.07 -11.25 -12.69
CA ALA B 318 -2.07 -12.70 -12.58
C ALA B 318 -0.68 -13.22 -12.22
N THR B 319 0.34 -12.76 -12.94
CA THR B 319 1.70 -13.26 -12.68
C THR B 319 2.19 -12.87 -11.30
N VAL B 320 1.95 -11.63 -10.89
CA VAL B 320 2.39 -11.19 -9.57
C VAL B 320 1.67 -11.96 -8.47
N GLY B 321 0.36 -12.14 -8.62
CA GLY B 321 -0.40 -12.88 -7.62
C GLY B 321 0.01 -14.33 -7.51
N LEU B 322 0.33 -14.97 -8.63
CA LEU B 322 0.79 -16.35 -8.55
C LEU B 322 2.19 -16.46 -7.99
N LEU B 323 3.06 -15.50 -8.26
CA LEU B 323 4.34 -15.46 -7.56
C LEU B 323 4.17 -15.27 -6.06
N TRP B 324 3.21 -14.42 -5.66
CA TRP B 324 2.86 -14.33 -4.25
C TRP B 324 2.35 -15.66 -3.72
N PHE B 325 1.58 -16.38 -4.53
CA PHE B 325 1.08 -17.69 -4.12
C PHE B 325 2.22 -18.66 -3.83
N ALA B 326 3.23 -18.67 -4.71
CA ALA B 326 4.40 -19.52 -4.47
C ALA B 326 5.14 -19.08 -3.19
N HIS B 327 5.33 -17.77 -3.02
CA HIS B 327 5.99 -17.25 -1.83
C HIS B 327 5.24 -17.64 -0.56
N HIS B 328 3.92 -17.50 -0.58
CA HIS B 328 3.06 -17.83 0.55
C HIS B 328 3.14 -19.32 0.88
N SER B 329 3.11 -20.17 -0.15
CA SER B 329 3.25 -21.59 0.07
C SER B 329 4.59 -21.92 0.71
N LEU B 330 5.67 -21.28 0.26
CA LEU B 330 6.98 -21.52 0.86
C LEU B 330 6.99 -21.12 2.32
N PHE B 331 6.58 -19.89 2.62
CA PHE B 331 6.75 -19.39 3.98
C PHE B 331 5.71 -19.94 4.95
N LEU B 332 4.68 -20.62 4.45
CA LEU B 332 3.85 -21.42 5.35
C LEU B 332 4.64 -22.58 5.95
N HIS B 333 5.71 -23.03 5.28
CA HIS B 333 6.47 -24.21 5.69
C HIS B 333 7.83 -23.85 6.27
N VAL B 334 8.06 -22.58 6.60
CA VAL B 334 9.34 -22.10 7.10
C VAL B 334 9.24 -21.88 8.60
N ARG B 335 10.27 -22.32 9.32
CA ARG B 335 10.36 -22.12 10.77
C ARG B 335 11.11 -20.83 11.11
N LYS B 336 12.37 -20.75 10.69
CA LYS B 336 13.22 -19.59 10.98
C LYS B 336 13.77 -19.03 9.67
N ALA B 337 13.67 -17.73 9.51
CA ALA B 337 14.16 -17.05 8.32
C ALA B 337 15.56 -16.51 8.56
N THR B 338 16.48 -16.86 7.67
CA THR B 338 17.86 -16.42 7.73
C THR B 338 18.05 -15.17 6.88
N ARG B 339 19.11 -14.44 7.19
CA ARG B 339 19.43 -13.22 6.44
C ARG B 339 19.80 -13.53 5.00
N ALA B 340 20.36 -14.73 4.74
CA ALA B 340 20.56 -15.17 3.37
C ALA B 340 19.23 -15.26 2.63
N MET B 341 18.26 -15.94 3.23
CA MET B 341 16.91 -15.98 2.68
C MET B 341 16.32 -14.59 2.54
N GLY B 342 16.64 -13.67 3.46
CA GLY B 342 16.13 -12.31 3.35
C GLY B 342 16.69 -11.57 2.15
N LEU B 343 17.99 -11.72 1.89
CA LEU B 343 18.58 -11.11 0.72
C LEU B 343 18.01 -11.71 -0.56
N LEU B 344 17.83 -13.03 -0.58
CA LEU B 344 17.23 -13.66 -1.75
C LEU B 344 15.81 -13.15 -1.99
N ASN B 345 15.02 -13.01 -0.93
CA ASN B 345 13.67 -12.46 -1.06
C ASN B 345 13.72 -11.01 -1.54
N THR B 346 14.66 -10.22 -1.04
CA THR B 346 14.78 -8.83 -1.47
C THR B 346 15.08 -8.74 -2.96
N LEU B 347 16.02 -9.57 -3.45
CA LEU B 347 16.30 -9.60 -4.88
C LEU B 347 15.06 -10.02 -5.67
N SER B 348 14.35 -11.04 -5.17
CA SER B 348 13.16 -11.51 -5.87
C SER B 348 12.12 -10.41 -5.99
N LEU B 349 11.87 -9.67 -4.90
CA LEU B 349 10.90 -8.59 -4.93
C LEU B 349 11.35 -7.45 -5.82
N ALA B 350 12.64 -7.10 -5.78
CA ALA B 350 13.17 -6.08 -6.66
C ALA B 350 12.88 -6.40 -8.11
N PHE B 351 13.09 -7.66 -8.50
CA PHE B 351 12.81 -8.03 -9.90
C PHE B 351 11.32 -8.20 -10.16
N VAL B 352 10.53 -8.52 -9.12
CA VAL B 352 9.09 -8.55 -9.27
C VAL B 352 8.58 -7.17 -9.66
N GLY B 353 9.20 -6.12 -9.11
CA GLY B 353 8.77 -4.77 -9.39
C GLY B 353 8.74 -4.40 -10.86
N GLY B 354 9.54 -5.06 -11.68
CA GLY B 354 9.62 -4.77 -13.10
C GLY B 354 8.66 -5.52 -14.00
N LEU B 355 7.73 -6.29 -13.44
CA LEU B 355 6.82 -7.07 -14.25
C LEU B 355 5.78 -6.20 -14.94
N PRO B 356 5.25 -5.17 -14.27
CA PRO B 356 4.30 -4.28 -14.95
C PRO B 356 4.87 -3.63 -16.20
N LEU B 357 6.14 -3.22 -16.16
CA LEU B 357 6.75 -2.64 -17.36
C LEU B 357 6.86 -3.67 -18.47
N ALA B 358 7.27 -4.89 -18.12
CA ALA B 358 7.35 -5.95 -19.13
C ALA B 358 6.02 -6.19 -19.80
N TYR B 359 4.94 -6.29 -19.01
CA TYR B 359 3.62 -6.53 -19.57
C TYR B 359 3.03 -5.32 -20.26
N GLN B 360 3.46 -4.12 -19.90
CA GLN B 360 3.07 -2.90 -20.60
C GLN B 360 3.75 -2.75 -21.93
N GLN B 361 4.97 -3.26 -22.08
CA GLN B 361 5.66 -3.26 -23.36
C GLN B 361 5.25 -4.41 -24.27
N THR B 362 5.02 -5.60 -23.72
CA THR B 362 4.59 -6.74 -24.52
C THR B 362 3.16 -6.63 -25.02
N SER B 363 2.41 -5.65 -24.53
CA SER B 363 1.03 -5.44 -24.96
C SER B 363 0.85 -4.22 -25.83
N ALA B 364 1.80 -3.28 -25.82
CA ALA B 364 1.76 -2.15 -26.73
C ALA B 364 2.13 -2.59 -28.14
N PHE B 365 1.97 -1.67 -29.09
CA PHE B 365 2.23 -1.95 -30.48
C PHE B 365 3.73 -1.97 -30.76
N ALA B 366 4.15 -2.89 -31.63
CA ALA B 366 5.53 -2.99 -32.08
C ALA B 366 5.58 -2.74 -33.58
N ARG B 367 6.47 -1.83 -33.99
CA ARG B 367 6.56 -1.48 -35.41
C ARG B 367 7.01 -2.68 -36.23
N GLN B 368 7.98 -3.45 -35.73
CA GLN B 368 8.52 -4.59 -36.44
C GLN B 368 8.46 -5.84 -35.56
N PRO B 369 8.38 -7.03 -36.16
CA PRO B 369 8.34 -8.25 -35.34
C PRO B 369 9.56 -8.43 -34.46
N ARG B 370 10.73 -7.97 -34.92
CA ARG B 370 11.93 -8.06 -34.12
C ARG B 370 11.73 -7.39 -32.76
N ASP B 371 11.03 -6.25 -32.75
CA ASP B 371 10.74 -5.58 -31.49
C ASP B 371 9.89 -6.44 -30.58
N GLU B 372 8.88 -7.12 -31.13
CA GLU B 372 8.04 -7.97 -30.30
C GLU B 372 8.84 -9.14 -29.72
N LEU B 373 9.74 -9.72 -30.51
CA LEU B 373 10.59 -10.79 -30.00
C LEU B 373 11.48 -10.28 -28.87
N GLU B 374 12.08 -9.10 -29.05
CA GLU B 374 12.92 -8.54 -28.00
C GLU B 374 12.13 -8.29 -26.73
N ARG B 375 10.91 -7.78 -26.87
CA ARG B 375 10.03 -7.54 -25.72
C ARG B 375 9.71 -8.84 -24.99
N VAL B 376 9.40 -9.90 -25.75
CA VAL B 376 9.14 -11.20 -25.13
C VAL B 376 10.36 -11.68 -24.36
N ARG B 377 11.55 -11.52 -24.95
CA ARG B 377 12.77 -11.93 -24.27
C ARG B 377 12.95 -11.17 -22.96
N VAL B 378 12.73 -9.85 -22.99
CA VAL B 378 12.90 -9.04 -21.78
C VAL B 378 11.93 -9.49 -20.70
N SER B 379 10.66 -9.73 -21.07
CA SER B 379 9.67 -10.14 -20.09
C SER B 379 10.02 -11.50 -19.50
N CYS B 380 10.45 -12.44 -20.33
CA CYS B 380 10.84 -13.76 -19.84
C CYS B 380 12.01 -13.65 -18.88
N THR B 381 12.99 -12.79 -19.20
CA THR B 381 14.13 -12.60 -18.32
C THR B 381 13.70 -12.05 -16.97
N ILE B 382 12.80 -11.06 -16.98
CA ILE B 382 12.33 -10.49 -15.72
C ILE B 382 11.62 -11.53 -14.88
N ILE B 383 10.75 -12.33 -15.51
CA ILE B 383 10.04 -13.37 -14.75
C ILE B 383 11.02 -14.38 -14.17
N PHE B 384 11.99 -14.81 -14.99
CA PHE B 384 12.98 -15.77 -14.52
C PHE B 384 13.75 -15.22 -13.33
N LEU B 385 14.13 -13.96 -13.37
CA LEU B 385 14.85 -13.38 -12.23
C LEU B 385 13.96 -13.31 -11.01
N ALA B 386 12.70 -12.93 -11.18
CA ALA B 386 11.77 -12.85 -10.06
C ALA B 386 11.54 -14.21 -9.40
N SER B 387 11.63 -15.29 -10.16
CA SER B 387 11.28 -16.62 -9.66
C SER B 387 12.47 -17.48 -9.25
N ILE B 388 13.64 -17.29 -9.86
CA ILE B 388 14.78 -18.12 -9.56
C ILE B 388 15.30 -17.86 -8.15
N PHE B 389 15.22 -16.62 -7.67
CA PHE B 389 15.61 -16.32 -6.30
C PHE B 389 14.59 -16.84 -5.29
N GLN B 390 13.32 -16.90 -5.65
CA GLN B 390 12.33 -17.61 -4.84
C GLN B 390 12.68 -19.08 -4.69
N LEU B 391 13.07 -19.73 -5.79
CA LEU B 391 13.53 -21.11 -5.70
C LEU B 391 14.83 -21.23 -4.91
N ALA B 392 15.70 -20.23 -5.01
CA ALA B 392 16.96 -20.23 -4.27
C ALA B 392 16.74 -20.15 -2.77
N MET B 393 15.72 -19.40 -2.34
CA MET B 393 15.36 -19.41 -0.93
C MET B 393 15.10 -20.82 -0.43
N TRP B 394 14.29 -21.58 -1.17
CA TRP B 394 13.97 -22.96 -0.80
C TRP B 394 15.21 -23.83 -0.81
N THR B 395 16.04 -23.70 -1.84
CA THR B 395 17.25 -24.52 -1.93
C THR B 395 18.20 -24.23 -0.77
N THR B 396 18.38 -22.95 -0.43
CA THR B 396 19.23 -22.57 0.68
C THR B 396 18.67 -23.06 2.00
N ALA B 397 17.36 -22.95 2.20
CA ALA B 397 16.74 -23.46 3.41
C ALA B 397 16.95 -24.96 3.56
N LEU B 398 16.93 -25.69 2.45
CA LEU B 398 17.15 -27.13 2.52
C LEU B 398 18.55 -27.48 3.00
N LEU B 399 19.49 -26.53 2.97
CA LEU B 399 20.83 -26.82 3.47
C LEU B 399 20.80 -27.19 4.95
N HIS B 400 20.03 -26.45 5.74
CA HIS B 400 19.77 -26.78 7.13
C HIS B 400 18.25 -26.90 7.30
N GLN B 401 17.72 -28.07 6.97
CA GLN B 401 16.28 -28.26 6.95
C GLN B 401 15.73 -28.46 8.35
N ALA B 402 16.51 -29.07 9.25
CA ALA B 402 16.02 -29.35 10.58
C ALA B 402 15.65 -28.08 11.35
N GLU B 403 16.16 -26.94 10.93
CA GLU B 403 15.90 -25.68 11.61
C GLU B 403 15.03 -24.72 10.83
N THR B 404 15.15 -24.69 9.49
CA THR B 404 14.50 -23.67 8.69
C THR B 404 13.17 -24.11 8.10
N LEU B 405 12.87 -25.41 8.09
CA LEU B 405 11.69 -25.93 7.42
C LEU B 405 10.95 -26.90 8.32
N GLN B 406 9.64 -26.94 8.13
CA GLN B 406 8.80 -27.93 8.79
C GLN B 406 9.10 -29.32 8.24
N PRO B 407 8.84 -30.37 9.02
CA PRO B 407 9.23 -31.73 8.61
C PRO B 407 8.60 -32.20 7.31
N SER B 408 7.49 -31.59 6.91
CA SER B 408 6.77 -32.06 5.73
C SER B 408 7.58 -31.83 4.45
N VAL B 409 8.33 -30.74 4.38
CA VAL B 409 9.00 -30.35 3.15
C VAL B 409 10.49 -30.70 3.18
N TRP B 410 10.90 -31.61 4.06
CA TRP B 410 12.26 -32.12 4.03
C TRP B 410 12.45 -33.05 2.84
N PHE B 411 13.68 -33.51 2.68
CA PHE B 411 13.96 -34.54 1.68
C PHE B 411 13.35 -35.85 2.14
N GLY B 412 12.19 -36.20 1.59
CA GLY B 412 11.50 -37.42 1.96
C GLY B 412 10.15 -37.17 2.61
N GLY B 413 9.48 -36.08 2.21
CA GLY B 413 8.21 -35.71 2.78
C GLY B 413 7.12 -35.61 1.73
N ARG B 414 5.89 -35.50 2.22
CA ARG B 414 4.71 -35.45 1.37
C ARG B 414 4.45 -34.08 0.77
N GLU B 415 5.38 -33.14 0.93
CA GLU B 415 5.26 -31.83 0.31
C GLU B 415 6.56 -31.38 -0.35
N HIS B 416 7.61 -32.19 -0.33
CA HIS B 416 8.88 -31.81 -0.94
C HIS B 416 8.74 -31.62 -2.44
N VAL B 417 8.18 -32.62 -3.12
CA VAL B 417 8.07 -32.57 -4.57
C VAL B 417 7.05 -31.52 -5.00
N LEU B 418 5.92 -31.43 -4.32
CA LEU B 418 4.96 -30.38 -4.61
C LEU B 418 5.60 -29.01 -4.46
N MET B 419 6.38 -28.82 -3.41
CA MET B 419 6.99 -27.52 -3.16
C MET B 419 8.01 -27.20 -4.25
N PHE B 420 8.83 -28.19 -4.62
CA PHE B 420 9.77 -28.01 -5.71
C PHE B 420 9.05 -27.61 -6.99
N ALA B 421 7.95 -28.27 -7.31
CA ALA B 421 7.20 -27.92 -8.52
C ALA B 421 6.64 -26.51 -8.44
N LYS B 422 6.06 -26.15 -7.30
CA LYS B 422 5.48 -24.83 -7.14
C LYS B 422 6.52 -23.73 -7.31
N LEU B 423 7.76 -23.98 -6.89
CA LEU B 423 8.80 -22.96 -7.03
C LEU B 423 9.58 -23.05 -8.33
N ALA B 424 9.54 -24.17 -9.03
CA ALA B 424 10.29 -24.35 -10.26
C ALA B 424 9.42 -24.25 -11.50
N LEU B 425 8.12 -23.99 -11.35
CA LEU B 425 7.27 -23.85 -12.52
C LEU B 425 7.64 -22.62 -13.34
N TYR B 426 7.58 -21.43 -12.75
CA TYR B 426 7.89 -20.22 -13.49
C TYR B 426 9.29 -20.21 -14.09
N PRO B 427 10.35 -20.55 -13.35
CA PRO B 427 11.67 -20.56 -13.98
C PRO B 427 11.73 -21.43 -15.23
N CYS B 428 11.16 -22.63 -15.16
CA CYS B 428 11.18 -23.54 -16.31
C CYS B 428 10.37 -22.97 -17.48
N ALA B 429 9.18 -22.44 -17.22
CA ALA B 429 8.36 -21.91 -18.30
C ALA B 429 8.97 -20.67 -18.93
N SER B 430 9.52 -19.77 -18.12
CA SER B 430 10.18 -18.59 -18.65
C SER B 430 11.39 -18.97 -19.49
N LEU B 431 12.20 -19.91 -19.00
CA LEU B 431 13.33 -20.39 -19.76
C LEU B 431 12.89 -21.03 -21.06
N LEU B 432 11.80 -21.80 -21.03
CA LEU B 432 11.31 -22.46 -22.24
C LEU B 432 10.84 -21.43 -23.27
N ALA B 433 10.12 -20.41 -22.82
CA ALA B 433 9.69 -19.35 -23.74
C ALA B 433 10.89 -18.61 -24.33
N PHE B 434 11.85 -18.26 -23.49
CA PHE B 434 13.06 -17.61 -23.98
C PHE B 434 13.75 -18.48 -25.03
N ALA B 435 13.85 -19.78 -24.77
CA ALA B 435 14.43 -20.70 -25.74
C ALA B 435 13.64 -20.72 -27.03
N SER B 436 12.31 -20.73 -26.94
CA SER B 436 11.47 -20.65 -28.13
C SER B 436 11.75 -19.39 -28.93
N THR B 437 12.10 -18.29 -28.26
CA THR B 437 12.44 -17.08 -28.97
C THR B 437 13.69 -17.22 -29.84
N CYS B 438 14.50 -18.26 -29.61
CA CYS B 438 15.72 -18.48 -30.36
C CYS B 438 15.71 -19.75 -31.19
N LEU B 439 14.77 -20.66 -30.96
CA LEU B 439 14.69 -21.91 -31.70
C LEU B 439 13.42 -21.95 -32.53
N LEU B 440 12.29 -21.62 -31.91
CA LEU B 440 11.00 -21.56 -32.58
C LEU B 440 10.52 -20.12 -32.69
N SER B 441 11.45 -19.22 -33.03
CA SER B 441 11.14 -17.79 -33.13
C SER B 441 9.80 -17.54 -33.79
N ARG B 442 9.54 -18.18 -34.92
CA ARG B 442 8.29 -17.94 -35.65
C ARG B 442 7.07 -18.27 -34.80
N PHE B 443 7.19 -19.25 -33.89
CA PHE B 443 6.10 -19.62 -32.99
C PHE B 443 6.37 -19.16 -31.56
N SER B 444 7.27 -18.19 -31.39
CA SER B 444 7.69 -17.78 -30.05
C SER B 444 6.67 -16.86 -29.37
N VAL B 445 6.23 -15.80 -30.06
CA VAL B 445 5.31 -14.87 -29.43
C VAL B 445 4.04 -15.56 -29.00
N GLY B 446 3.58 -16.55 -29.78
CA GLY B 446 2.42 -17.32 -29.36
C GLY B 446 2.69 -18.11 -28.10
N ILE B 447 3.84 -18.76 -28.02
CA ILE B 447 4.16 -19.59 -26.86
C ILE B 447 4.04 -18.78 -25.59
N PHE B 448 4.65 -17.59 -25.58
CA PHE B 448 4.55 -16.72 -24.41
C PHE B 448 3.10 -16.54 -23.99
N HIS B 449 2.23 -16.21 -24.95
CA HIS B 449 0.82 -16.03 -24.62
C HIS B 449 0.24 -17.29 -23.99
N LEU B 450 0.55 -18.46 -24.59
CA LEU B 450 0.06 -19.70 -24.01
C LEU B 450 0.54 -19.86 -22.57
N MET B 451 1.78 -19.47 -22.30
CA MET B 451 2.26 -19.51 -20.92
C MET B 451 1.31 -18.80 -19.99
N GLN B 452 0.89 -17.58 -20.37
CA GLN B 452 -0.02 -16.81 -19.53
C GLN B 452 -1.31 -17.54 -19.20
N ILE B 453 -1.72 -18.51 -20.00
CA ILE B 453 -2.88 -19.34 -19.70
C ILE B 453 -2.48 -20.64 -19.04
N ALA B 454 -1.37 -21.24 -19.46
CA ALA B 454 -1.04 -22.58 -19.00
C ALA B 454 -0.55 -22.56 -17.55
N VAL B 455 0.30 -21.59 -17.19
CA VAL B 455 0.89 -21.59 -15.86
C VAL B 455 -0.17 -21.50 -14.78
N PRO B 456 -1.17 -20.61 -14.86
CA PRO B 456 -2.26 -20.65 -13.88
C PRO B 456 -2.93 -22.00 -13.78
N CYS B 457 -3.30 -22.60 -14.91
CA CYS B 457 -3.97 -23.90 -14.87
C CYS B 457 -3.10 -24.94 -14.19
N ALA B 458 -1.81 -24.97 -14.50
CA ALA B 458 -0.89 -25.89 -13.86
C ALA B 458 -0.82 -25.70 -12.36
N PHE B 459 -1.15 -24.51 -11.86
CA PHE B 459 -1.24 -24.32 -10.41
C PHE B 459 -2.53 -24.89 -9.85
N LEU B 460 -3.63 -24.80 -10.59
CA LEU B 460 -4.89 -25.38 -10.14
C LEU B 460 -4.89 -26.90 -10.19
N LEU B 461 -3.91 -27.49 -10.86
CA LEU B 461 -3.83 -28.94 -11.03
C LEU B 461 -2.46 -29.46 -10.64
N LEU B 462 -1.70 -28.71 -9.84
CA LEU B 462 -0.34 -29.10 -9.55
C LEU B 462 -0.29 -30.40 -8.76
N ARG B 463 -1.23 -30.61 -7.83
CA ARG B 463 -1.32 -31.90 -7.17
C ARG B 463 -1.47 -33.02 -8.19
N LEU B 464 -2.42 -32.87 -9.11
CA LEU B 464 -2.68 -33.89 -10.11
C LEU B 464 -1.45 -34.10 -11.00
N LEU B 465 -0.86 -33.00 -11.48
CA LEU B 465 0.26 -33.12 -12.41
C LEU B 465 1.46 -33.77 -11.74
N VAL B 466 1.75 -33.39 -10.50
CA VAL B 466 2.85 -33.98 -9.76
C VAL B 466 2.60 -35.46 -9.52
N GLY B 467 1.37 -35.82 -9.16
CA GLY B 467 1.06 -37.24 -8.99
C GLY B 467 1.27 -38.02 -10.28
N LEU B 468 0.79 -37.47 -11.39
CA LEU B 468 0.94 -38.15 -12.68
C LEU B 468 2.41 -38.31 -13.04
N ALA B 469 3.22 -37.27 -12.81
CA ALA B 469 4.64 -37.35 -13.13
C ALA B 469 5.40 -38.28 -12.20
N LEU B 470 4.96 -38.39 -10.94
CA LEU B 470 5.58 -39.32 -10.00
C LEU B 470 5.17 -40.77 -10.26
N ALA B 471 4.03 -40.99 -10.91
CA ALA B 471 3.63 -42.33 -11.33
C ALA B 471 4.25 -42.74 -12.66
N THR B 472 4.29 -41.83 -13.63
CA THR B 472 4.93 -42.13 -14.91
C THR B 472 6.36 -42.64 -14.69
N LEU B 473 7.20 -41.83 -14.06
CA LEU B 473 8.56 -42.26 -13.74
C LEU B 473 8.58 -43.45 -12.81
N ARG B 474 7.48 -43.73 -12.10
CA ARG B 474 7.36 -44.95 -11.32
C ARG B 474 7.19 -46.18 -12.20
N VAL B 475 6.62 -46.03 -13.39
CA VAL B 475 6.48 -47.14 -14.34
C VAL B 475 7.46 -47.04 -15.50
N LEU B 476 8.40 -46.10 -15.48
CA LEU B 476 9.45 -46.03 -16.49
C LEU B 476 10.80 -46.39 -15.87
#